data_9KPT
#
_entry.id   9KPT
#
_cell.length_a   1.00
_cell.length_b   1.00
_cell.length_c   1.00
_cell.angle_alpha   90.00
_cell.angle_beta   90.00
_cell.angle_gamma   90.00
#
_symmetry.space_group_name_H-M   'P 1'
#
loop_
_entity.id
_entity.type
_entity.pdbx_description
1 polymer 'Succinate dehydrogenase [ubiquinone] flavoprotein subunit, mitochondrial'
2 polymer 'Succinate dehydrogenase [ubiquinone] iron-sulfur subunit, mitochondrial'
3 polymer Sdh3p
4 polymer 'Succinate dehydrogenase [ubiquinone] cytochrome b small subunit, mitochondrial'
5 non-polymer 'FLAVIN-ADENINE DINUCLEOTIDE'
6 non-polymer 'FE2/S2 (INORGANIC) CLUSTER'
7 non-polymer 'IRON/SULFUR CLUSTER'
8 non-polymer 'FE3-S4 CLUSTER'
9 non-polymer UBIQUINONE-1
10 non-polymer 1,2-dioleoyl-sn-glycero-3-phosphoethanolamine
#
loop_
_entity_poly.entity_id
_entity_poly.type
_entity_poly.pdbx_seq_one_letter_code
_entity_poly.pdbx_strand_id
1 'polypeptide(L)'
;KYHIIDHEYDCVVIGAGGAGLRAAFGLAEAGYKTACISKLFPTRSHTVAAQGGINAALGNMHKDNWKWHMYDTVKGSDWL
GDQDSIHYMTREAPKSIIELEHYGVPFSRTENGKIYQRAFGGQTKEYGKGAQAYRTCAVADRTGHALLHTLYGQALRHDT
HFFIEYFALDLLTHNGEVVGVIAYNQEDGTIHRFRAHKTIIATGGYGRAYFSCTSAHTCTGDGNAMVSRAGFPLQDLEFV
QFHPSGIYGSGCLITEGARGEGGFLVNSEGERFMERYAPTAKDLACRDVVSRAITMEIREGRGVGKKKDHMYLQLSHLPP
EVLKERLPGISETAAIFAGVDVTKEPIPIIPTVHYNMGGIPTKWNGEALTIDEETGEDKVIPGLMACGEAACVSVHGANR
LGANSLLDLVVFGRAVAHTVADTLQPGLPHKPLPSDLGKESIANLDKLRNANGSRSTAEIRMNMKQTMQKDVSVFRTQSS
LDEGVRNITAVEKTFDDVKTTDRSMIWNSDLVETLELQNLLTCASQTAVSAANRKESRGAHAREDYPNRDDEHWMKHTLS
WQKDVAAPVTLKYRRVIDHTLDEKECPSVPPTV
;
A
2 'polypeptide(L)'
;TPRLKTFKVYRWNPDEPSAKPHLQSYQVDLNDCGPMVLDALLKIKDEQDSTLTFRRSCREGICGSCAMNIGGRNTLACIC
KIDQNESKQLKIYPLPHMFIVKDLVPDLTNFYQQYKSIQPYLQRSSFPKDGTEVLQSIEDRKKLDGLYECILCACCSTSC
PSYWWNQEQYLGPAVLMQAYRWLIDSRDQATKTRKAMLNNSMSLYRCHTIMNCTRTCPKGLNPGLAIAEIKKSLAFA
;
B
3 'polypeptide(L)'
;EMNTKAAIAEEQILNKQRARRPISPHLTIYQPQLTWYLSSFHRISLVLMGLGFYLFTILFGVSGLLGLGLTTEKVSNWYH
QKFSKITEWSIKGSFAYLFAIHYGGAIRHLIWDTAKELTLKGVYRTGYALIGFTAVLGTYLLTL
;
C
4 'polypeptide(L)'
;LPVLPQKPGGVRGTPNDAYVPPPENKLEGSYHWYMEKIFALSVVPLATTAMLTTGPLSTAADSFFSVMLLGYCYMEFNSC
ITDYISGRVYGVWHKYAMYMLGLGSAVSLFGIYKLETENDGVVGLVKSLWD
;
D
#
loop_
_chem_comp.id
_chem_comp.type
_chem_comp.name
_chem_comp.formula
F3S non-polymer 'FE3-S4 CLUSTER' 'Fe3 S4'
FAD non-polymer 'FLAVIN-ADENINE DINUCLEOTIDE' 'C27 H33 N9 O15 P2'
FES non-polymer 'FE2/S2 (INORGANIC) CLUSTER' 'Fe2 S2'
PEE non-polymer 1,2-dioleoyl-sn-glycero-3-phosphoethanolamine 'C41 H78 N O8 P'
SF4 non-polymer 'IRON/SULFUR CLUSTER' 'Fe4 S4'
UQ1 non-polymer UBIQUINONE-1 'C14 H18 O4'
#
# COMPACT_ATOMS: atom_id res chain seq x y z
N LYS A 1 -5.21 -36.81 1.51
CA LYS A 1 -3.83 -36.31 1.40
C LYS A 1 -3.68 -34.99 2.15
N TYR A 2 -4.47 -34.00 1.75
CA TYR A 2 -4.48 -32.70 2.42
C TYR A 2 -5.50 -32.72 3.56
N HIS A 3 -5.69 -31.57 4.18
CA HIS A 3 -6.75 -31.36 5.15
C HIS A 3 -7.53 -30.12 4.75
N ILE A 4 -8.85 -30.24 4.70
CA ILE A 4 -9.71 -29.22 4.13
C ILE A 4 -10.61 -28.69 5.23
N ILE A 5 -10.66 -27.37 5.36
CA ILE A 5 -11.46 -26.68 6.38
C ILE A 5 -12.71 -26.12 5.72
N ASP A 6 -13.86 -26.34 6.34
CA ASP A 6 -15.15 -25.95 5.77
C ASP A 6 -15.69 -24.72 6.47
N HIS A 7 -16.16 -23.75 5.68
CA HIS A 7 -16.80 -22.55 6.19
C HIS A 7 -18.23 -22.48 5.66
N GLU A 8 -19.04 -21.61 6.26
CA GLU A 8 -20.43 -21.41 5.85
C GLU A 8 -20.74 -19.92 5.92
N TYR A 9 -21.15 -19.34 4.80
CA TYR A 9 -21.44 -17.91 4.75
C TYR A 9 -22.67 -17.68 3.89
N ASP A 10 -23.25 -16.50 4.03
CA ASP A 10 -24.39 -16.12 3.19
C ASP A 10 -23.93 -15.71 1.81
N CYS A 11 -22.96 -14.81 1.73
CA CYS A 11 -22.38 -14.41 0.46
C CYS A 11 -20.86 -14.38 0.60
N VAL A 12 -20.15 -14.81 -0.43
CA VAL A 12 -18.70 -14.64 -0.47
C VAL A 12 -18.36 -13.73 -1.63
N VAL A 13 -17.27 -12.98 -1.48
CA VAL A 13 -16.80 -12.05 -2.48
C VAL A 13 -15.35 -12.39 -2.78
N ILE A 14 -15.05 -12.63 -4.06
CA ILE A 14 -13.67 -12.88 -4.47
C ILE A 14 -13.07 -11.57 -4.96
N GLY A 15 -12.08 -11.09 -4.26
CA GLY A 15 -11.45 -9.86 -4.70
C GLY A 15 -11.69 -8.74 -3.72
N ALA A 16 -10.65 -7.97 -3.45
CA ALA A 16 -10.71 -6.82 -2.57
C ALA A 16 -10.19 -5.59 -3.29
N GLY A 17 -10.65 -5.39 -4.50
CA GLY A 17 -10.37 -4.19 -5.26
C GLY A 17 -11.38 -3.13 -4.96
N GLY A 18 -11.47 -2.15 -5.85
CA GLY A 18 -12.44 -1.08 -5.67
C GLY A 18 -13.87 -1.50 -5.86
N ALA A 19 -14.11 -2.64 -6.50
CA ALA A 19 -15.45 -3.15 -6.73
C ALA A 19 -15.84 -4.25 -5.75
N GLY A 20 -14.90 -5.09 -5.35
CA GLY A 20 -15.19 -6.09 -4.34
C GLY A 20 -15.23 -5.56 -2.93
N LEU A 21 -14.68 -4.36 -2.70
CA LEU A 21 -14.81 -3.73 -1.39
C LEU A 21 -16.15 -3.02 -1.26
N ARG A 22 -16.60 -2.35 -2.33
CA ARG A 22 -17.90 -1.67 -2.31
C ARG A 22 -19.05 -2.67 -2.26
N ALA A 23 -18.88 -3.85 -2.85
CA ALA A 23 -19.89 -4.90 -2.71
C ALA A 23 -19.78 -5.64 -1.40
N ALA A 24 -18.73 -5.41 -0.61
CA ALA A 24 -18.56 -6.14 0.64
C ALA A 24 -19.30 -5.49 1.79
N PHE A 25 -19.12 -4.19 2.00
CA PHE A 25 -19.89 -3.53 3.06
C PHE A 25 -21.25 -3.05 2.57
N GLY A 26 -21.65 -3.36 1.34
CA GLY A 26 -23.02 -3.15 0.96
C GLY A 26 -23.91 -4.28 1.45
N LEU A 27 -23.35 -5.47 1.60
CA LEU A 27 -24.08 -6.62 2.10
C LEU A 27 -23.90 -6.82 3.59
N ALA A 28 -22.73 -6.48 4.13
CA ALA A 28 -22.51 -6.57 5.57
C ALA A 28 -23.28 -5.50 6.32
N GLU A 29 -23.62 -4.40 5.66
CA GLU A 29 -24.46 -3.37 6.26
C GLU A 29 -25.93 -3.79 6.26
N ALA A 30 -26.37 -4.51 5.23
CA ALA A 30 -27.76 -4.91 5.12
C ALA A 30 -28.13 -6.08 6.01
N GLY A 31 -27.16 -6.71 6.66
CA GLY A 31 -27.43 -7.77 7.60
C GLY A 31 -27.05 -9.17 7.16
N TYR A 32 -25.96 -9.35 6.43
CA TYR A 32 -25.52 -10.64 5.94
C TYR A 32 -24.17 -10.99 6.54
N LYS A 33 -23.72 -12.21 6.29
CA LYS A 33 -22.43 -12.70 6.76
C LYS A 33 -21.51 -12.83 5.55
N THR A 34 -20.82 -11.74 5.21
CA THR A 34 -19.98 -11.75 4.04
C THR A 34 -18.54 -12.14 4.38
N ALA A 35 -17.82 -12.55 3.34
CA ALA A 35 -16.44 -12.98 3.47
C ALA A 35 -15.71 -12.55 2.21
N CYS A 36 -14.84 -11.56 2.33
CA CYS A 36 -14.15 -10.99 1.17
C CYS A 36 -12.81 -11.70 1.02
N ILE A 37 -12.78 -12.72 0.17
CA ILE A 37 -11.56 -13.49 -0.06
C ILE A 37 -10.66 -12.71 -1.02
N SER A 38 -9.42 -12.49 -0.62
CA SER A 38 -8.48 -11.72 -1.41
C SER A 38 -7.15 -12.43 -1.53
N LYS A 39 -6.43 -12.11 -2.60
CA LYS A 39 -5.09 -12.63 -2.83
C LYS A 39 -4.00 -11.72 -2.30
N LEU A 40 -4.22 -10.42 -2.36
CA LEU A 40 -3.34 -9.42 -1.79
C LEU A 40 -4.05 -8.72 -0.63
N PHE A 41 -3.32 -7.89 0.07
CA PHE A 41 -3.94 -6.96 1.00
C PHE A 41 -4.82 -6.00 0.21
N PRO A 42 -6.00 -5.60 0.73
CA PRO A 42 -6.95 -4.83 -0.07
C PRO A 42 -6.45 -3.50 -0.62
N THR A 43 -5.64 -2.76 0.13
CA THR A 43 -5.07 -1.54 -0.42
C THR A 43 -3.72 -1.79 -1.06
N ARG A 44 -3.65 -2.84 -1.89
CA ARG A 44 -2.47 -3.17 -2.68
C ARG A 44 -2.87 -3.60 -4.08
N SER A 45 -4.13 -3.36 -4.49
CA SER A 45 -4.68 -3.91 -5.71
C SER A 45 -4.23 -3.08 -6.91
N HIS A 46 -5.24 -3.22 -8.11
CA HIS A 46 -4.65 -2.48 -9.21
C HIS A 46 -5.26 -1.09 -9.36
N THR A 47 -6.34 -1.05 -8.59
CA THR A 47 -7.07 0.22 -8.54
C THR A 47 -6.48 1.23 -7.57
N VAL A 48 -5.28 0.98 -7.03
CA VAL A 48 -4.53 2.00 -6.31
C VAL A 48 -3.67 2.81 -7.26
N ALA A 49 -3.51 2.36 -8.51
CA ALA A 49 -2.62 2.99 -9.48
C ALA A 49 -3.40 3.77 -10.54
N ALA A 50 -4.50 4.40 -10.14
CA ALA A 50 -5.32 5.20 -11.04
C ALA A 50 -5.09 6.68 -10.76
N GLN A 51 -4.69 7.43 -11.80
CA GLN A 51 -4.47 8.87 -11.68
C GLN A 51 -5.50 9.65 -12.48
N GLY A 52 -6.77 9.27 -12.41
CA GLY A 52 -7.77 9.94 -13.19
C GLY A 52 -8.85 10.60 -12.37
N GLY A 53 -10.11 10.31 -12.70
CA GLY A 53 -11.24 10.86 -11.99
C GLY A 53 -12.38 9.88 -12.02
N ILE A 54 -13.49 10.26 -11.40
CA ILE A 54 -14.71 9.48 -11.40
C ILE A 54 -15.82 10.38 -11.90
N ASN A 55 -16.35 10.08 -13.08
CA ASN A 55 -17.31 10.98 -13.75
C ASN A 55 -18.60 11.11 -12.96
N ALA A 56 -19.10 12.33 -12.88
CA ALA A 56 -20.37 12.59 -12.23
C ALA A 56 -20.94 13.86 -12.81
N ALA A 57 -22.24 13.87 -13.05
CA ALA A 57 -22.93 15.06 -13.55
C ALA A 57 -23.47 15.88 -12.39
N LEU A 58 -22.55 16.26 -11.49
CA LEU A 58 -22.92 17.09 -10.35
C LEU A 58 -23.28 18.49 -10.78
N GLY A 59 -22.50 19.07 -11.69
CA GLY A 59 -22.79 20.40 -12.20
C GLY A 59 -22.44 21.50 -11.22
N ASN A 60 -21.17 21.58 -10.83
CA ASN A 60 -20.71 22.65 -9.97
C ASN A 60 -19.66 23.53 -10.62
N MET A 61 -19.23 23.21 -11.83
CA MET A 61 -18.49 24.16 -12.65
C MET A 61 -19.41 24.95 -13.58
N HIS A 62 -20.50 24.32 -14.02
CA HIS A 62 -21.48 24.94 -14.90
C HIS A 62 -22.79 24.18 -14.74
N LYS A 63 -23.72 24.42 -15.65
CA LYS A 63 -24.91 23.58 -15.73
C LYS A 63 -24.54 22.23 -16.33
N ASP A 64 -25.29 21.20 -15.93
CA ASP A 64 -25.05 19.86 -16.46
C ASP A 64 -26.32 19.03 -16.32
N ASN A 65 -26.64 18.30 -17.37
CA ASN A 65 -27.70 17.30 -17.35
C ASN A 65 -27.04 15.93 -17.40
N TRP A 66 -27.58 14.97 -16.66
CA TRP A 66 -27.02 13.60 -16.73
C TRP A 66 -27.15 13.08 -18.16
N LYS A 67 -28.30 13.30 -18.81
CA LYS A 67 -28.54 12.71 -20.13
C LYS A 67 -27.52 13.16 -21.16
N TRP A 68 -26.79 14.25 -20.92
CA TRP A 68 -25.66 14.58 -21.76
C TRP A 68 -24.53 13.58 -21.54
N HIS A 69 -24.30 13.19 -20.29
CA HIS A 69 -23.26 12.22 -19.95
C HIS A 69 -23.59 10.82 -20.48
N MET A 70 -24.88 10.52 -20.67
CA MET A 70 -25.25 9.25 -21.28
C MET A 70 -24.87 9.22 -22.76
N TYR A 71 -25.02 10.36 -23.44
CA TYR A 71 -24.79 10.40 -24.89
C TYR A 71 -23.33 10.22 -25.23
N ASP A 72 -22.40 10.75 -24.45
CA ASP A 72 -20.99 10.54 -24.73
C ASP A 72 -20.52 9.13 -24.39
N THR A 73 -21.24 8.42 -23.51
CA THR A 73 -20.87 7.05 -23.19
C THR A 73 -21.27 6.10 -24.30
N VAL A 74 -22.44 6.32 -24.89
CA VAL A 74 -22.94 5.40 -25.91
C VAL A 74 -22.43 5.75 -27.31
N LYS A 75 -22.10 7.01 -27.58
CA LYS A 75 -21.54 7.38 -28.87
C LYS A 75 -20.08 6.98 -28.96
N GLY A 76 -19.33 7.14 -27.88
CA GLY A 76 -17.95 6.69 -27.83
C GLY A 76 -17.77 5.19 -27.69
N SER A 77 -18.85 4.44 -27.60
CA SER A 77 -18.82 2.99 -27.51
C SER A 77 -19.15 2.30 -28.81
N ASP A 78 -19.32 3.06 -29.90
CA ASP A 78 -19.68 2.57 -31.24
C ASP A 78 -20.98 1.78 -31.26
N TRP A 79 -21.92 2.18 -30.38
CA TRP A 79 -23.29 1.66 -30.33
C TRP A 79 -23.33 0.16 -30.07
N LEU A 80 -22.35 -0.37 -29.34
CA LEU A 80 -22.39 -1.74 -28.87
C LEU A 80 -22.67 -1.80 -27.37
N GLY A 81 -22.74 -0.66 -26.70
CA GLY A 81 -23.08 -0.67 -25.29
C GLY A 81 -24.56 -0.93 -25.08
N ASP A 82 -24.88 -1.71 -24.05
CA ASP A 82 -26.27 -1.97 -23.70
C ASP A 82 -26.86 -0.72 -23.06
N GLN A 83 -27.83 -0.11 -23.73
CA GLN A 83 -28.33 1.19 -23.29
C GLN A 83 -29.26 1.12 -22.10
N ASP A 84 -29.52 -0.05 -21.54
CA ASP A 84 -30.17 -0.16 -20.24
C ASP A 84 -29.16 -0.24 -19.10
N SER A 85 -27.87 -0.37 -19.42
CA SER A 85 -26.81 -0.23 -18.43
C SER A 85 -26.09 1.10 -18.54
N ILE A 86 -26.14 1.74 -19.71
CA ILE A 86 -25.70 3.13 -19.83
C ILE A 86 -26.65 4.04 -19.07
N HIS A 87 -27.95 3.70 -19.09
CA HIS A 87 -28.95 4.54 -18.44
C HIS A 87 -28.89 4.42 -16.92
N TYR A 88 -28.46 3.27 -16.40
CA TYR A 88 -28.44 3.10 -14.95
C TYR A 88 -27.17 3.65 -14.34
N MET A 89 -26.03 3.52 -15.03
CA MET A 89 -24.77 4.02 -14.48
C MET A 89 -24.74 5.54 -14.47
N THR A 90 -25.29 6.15 -15.51
CA THR A 90 -25.19 7.59 -15.66
C THR A 90 -26.20 8.32 -14.80
N ARG A 91 -27.40 7.76 -14.62
CA ARG A 91 -28.40 8.41 -13.79
C ARG A 91 -28.04 8.34 -12.32
N GLU A 92 -27.50 7.21 -11.87
CA GLU A 92 -27.08 7.04 -10.49
C GLU A 92 -25.63 7.47 -10.26
N ALA A 93 -25.09 8.30 -11.14
CA ALA A 93 -23.75 8.86 -10.95
C ALA A 93 -23.70 10.04 -9.98
N PRO A 94 -24.62 11.03 -9.99
CA PRO A 94 -24.52 12.06 -8.95
C PRO A 94 -24.88 11.58 -7.56
N LYS A 95 -25.74 10.57 -7.44
CA LYS A 95 -26.13 10.05 -6.13
C LYS A 95 -25.00 9.27 -5.47
N SER A 96 -24.05 8.76 -6.24
CA SER A 96 -23.08 7.81 -5.73
C SER A 96 -21.69 8.38 -5.52
N ILE A 97 -21.44 9.63 -5.92
CA ILE A 97 -20.17 10.29 -5.62
C ILE A 97 -20.32 11.30 -4.49
N ILE A 98 -21.51 11.85 -4.28
CA ILE A 98 -21.78 12.61 -3.07
C ILE A 98 -21.75 11.69 -1.86
N GLU A 99 -22.30 10.48 -1.99
CA GLU A 99 -22.21 9.46 -0.96
C GLU A 99 -20.79 8.95 -0.77
N LEU A 100 -19.97 9.03 -1.80
CA LEU A 100 -18.57 8.63 -1.69
C LEU A 100 -17.75 9.62 -0.87
N GLU A 101 -18.17 10.88 -0.83
CA GLU A 101 -17.51 11.90 -0.04
C GLU A 101 -18.00 11.94 1.41
N HIS A 102 -19.19 11.40 1.67
CA HIS A 102 -19.64 11.21 3.04
C HIS A 102 -18.94 10.07 3.74
N TYR A 103 -18.15 9.26 3.01
CA TYR A 103 -17.32 8.25 3.63
C TYR A 103 -15.99 8.82 4.08
N GLY A 104 -15.55 9.90 3.47
CA GLY A 104 -14.31 10.54 3.89
C GLY A 104 -13.25 10.60 2.83
N VAL A 105 -13.63 10.56 1.56
CA VAL A 105 -12.69 10.72 0.47
C VAL A 105 -12.29 12.19 0.41
N PRO A 106 -11.01 12.52 0.55
CA PRO A 106 -10.64 13.93 0.46
C PRO A 106 -10.58 14.40 -0.98
N PHE A 107 -11.59 15.11 -1.43
CA PHE A 107 -11.61 15.62 -2.79
C PHE A 107 -10.92 16.97 -2.86
N SER A 108 -10.45 17.32 -4.05
CA SER A 108 -10.00 18.68 -4.30
C SER A 108 -11.19 19.62 -4.25
N ARG A 109 -11.02 20.77 -3.62
CA ARG A 109 -12.14 21.64 -3.35
C ARG A 109 -12.06 22.92 -4.18
N THR A 110 -13.21 23.57 -4.30
CA THR A 110 -13.36 24.83 -5.03
C THR A 110 -13.59 25.97 -4.05
N GLU A 111 -13.84 27.15 -4.60
CA GLU A 111 -13.86 28.40 -3.84
C GLU A 111 -15.09 28.56 -2.95
N ASN A 112 -15.99 27.58 -2.88
CA ASN A 112 -17.15 27.67 -1.99
C ASN A 112 -17.39 26.38 -1.20
N GLY A 113 -16.48 25.42 -1.27
CA GLY A 113 -16.63 24.17 -0.56
C GLY A 113 -17.22 23.04 -1.37
N LYS A 114 -17.05 23.05 -2.70
CA LYS A 114 -17.60 22.03 -3.56
C LYS A 114 -16.48 21.27 -4.25
N ILE A 115 -16.82 20.10 -4.79
CA ILE A 115 -15.86 19.17 -5.34
C ILE A 115 -15.34 19.68 -6.69
N TYR A 116 -14.02 19.59 -6.89
CA TYR A 116 -13.37 20.14 -8.07
C TYR A 116 -13.43 19.14 -9.22
N GLN A 117 -13.81 19.63 -10.41
CA GLN A 117 -13.96 18.82 -11.60
C GLN A 117 -13.14 19.40 -12.73
N ARG A 118 -12.50 18.53 -13.51
CA ARG A 118 -11.65 18.93 -14.62
C ARG A 118 -12.12 18.25 -15.91
N ALA A 119 -11.34 18.31 -16.99
CA ALA A 119 -11.77 17.79 -18.28
C ALA A 119 -10.93 16.58 -18.70
N PHE A 120 -11.64 15.53 -19.11
CA PHE A 120 -10.96 14.40 -19.77
C PHE A 120 -11.44 14.44 -21.22
N GLY A 121 -11.08 13.47 -22.04
CA GLY A 121 -11.37 13.45 -23.46
C GLY A 121 -12.48 12.46 -23.80
N GLY A 122 -13.41 12.92 -24.62
CA GLY A 122 -14.52 12.09 -25.05
C GLY A 122 -15.85 12.64 -24.57
N GLN A 123 -15.83 13.52 -23.59
CA GLN A 123 -17.03 14.01 -22.93
C GLN A 123 -17.26 15.48 -23.27
N THR A 124 -18.38 15.76 -23.91
CA THR A 124 -18.76 17.11 -24.28
C THR A 124 -20.23 17.33 -23.97
N LYS A 125 -20.61 18.58 -23.78
CA LYS A 125 -21.96 18.92 -23.37
C LYS A 125 -22.81 19.30 -24.57
N GLU A 126 -24.12 19.51 -24.29
CA GLU A 126 -25.16 19.81 -25.29
C GLU A 126 -25.25 18.71 -26.36
N TYR A 127 -25.37 17.46 -25.88
CA TYR A 127 -25.68 16.27 -26.68
C TYR A 127 -24.65 16.03 -27.79
N GLY A 128 -23.38 16.17 -27.44
CA GLY A 128 -22.32 15.97 -28.40
C GLY A 128 -22.10 17.11 -29.38
N LYS A 129 -22.87 18.19 -29.27
CA LYS A 129 -22.73 19.36 -30.14
C LYS A 129 -22.55 20.56 -29.21
N GLY A 130 -21.31 20.80 -28.80
CA GLY A 130 -21.02 21.88 -27.88
C GLY A 130 -19.58 21.81 -27.42
N ALA A 131 -19.27 22.62 -26.41
CA ALA A 131 -17.93 22.68 -25.89
C ALA A 131 -17.65 21.48 -24.97
N GLN A 132 -16.39 21.35 -24.57
CA GLN A 132 -16.01 20.30 -23.65
C GLN A 132 -16.50 20.62 -22.25
N ALA A 133 -16.98 19.60 -21.54
CA ALA A 133 -17.55 19.76 -20.21
C ALA A 133 -16.62 19.19 -19.15
N TYR A 134 -16.84 19.61 -17.92
CA TYR A 134 -16.03 19.20 -16.77
C TYR A 134 -16.87 18.26 -15.90
N ARG A 135 -16.76 16.95 -16.17
CA ARG A 135 -17.34 15.95 -15.29
C ARG A 135 -16.28 14.89 -15.01
N THR A 136 -15.41 15.16 -14.04
CA THR A 136 -14.44 14.17 -13.62
C THR A 136 -14.31 14.00 -12.12
N CYS A 137 -14.53 15.06 -11.32
CA CYS A 137 -14.85 14.97 -9.89
C CYS A 137 -13.75 14.24 -9.11
N ALA A 138 -12.56 14.83 -9.10
CA ALA A 138 -11.36 14.08 -8.82
C ALA A 138 -10.50 14.67 -7.71
N VAL A 139 -9.83 13.79 -6.98
CA VAL A 139 -8.60 14.14 -6.28
C VAL A 139 -7.49 14.27 -7.33
N ALA A 140 -6.39 14.95 -6.96
CA ALA A 140 -5.41 15.50 -7.89
C ALA A 140 -4.80 14.49 -8.85
N ASP A 141 -3.99 13.57 -8.33
CA ASP A 141 -3.62 12.40 -9.12
C ASP A 141 -3.48 11.17 -8.24
N ARG A 142 -4.24 11.12 -7.15
CA ARG A 142 -4.38 9.95 -6.30
C ARG A 142 -5.85 9.60 -6.17
N THR A 143 -6.57 9.58 -7.29
CA THR A 143 -8.00 9.29 -7.22
C THR A 143 -8.27 7.83 -6.96
N GLY A 144 -7.49 6.95 -7.58
CA GLY A 144 -7.61 5.54 -7.25
C GLY A 144 -6.98 5.20 -5.92
N HIS A 145 -5.96 5.96 -5.53
CA HIS A 145 -5.28 5.72 -4.26
C HIS A 145 -6.16 6.10 -3.08
N ALA A 146 -6.81 7.27 -3.15
CA ALA A 146 -7.72 7.69 -2.10
C ALA A 146 -9.07 6.98 -2.16
N LEU A 147 -9.32 6.16 -3.19
CA LEU A 147 -10.54 5.38 -3.27
C LEU A 147 -10.44 4.07 -2.50
N LEU A 148 -9.31 3.37 -2.57
CA LEU A 148 -9.15 2.16 -1.77
C LEU A 148 -9.01 2.47 -0.30
N HIS A 149 -8.24 3.50 0.05
CA HIS A 149 -7.94 3.76 1.46
C HIS A 149 -9.15 4.27 2.22
N THR A 150 -10.19 4.72 1.53
CA THR A 150 -11.46 5.09 2.15
C THR A 150 -12.46 3.95 2.14
N LEU A 151 -12.52 3.19 1.04
CA LEU A 151 -13.46 2.08 0.97
C LEU A 151 -13.02 0.93 1.86
N TYR A 152 -11.72 0.78 2.11
CA TYR A 152 -11.26 -0.24 3.04
C TYR A 152 -11.51 0.17 4.47
N GLY A 153 -11.40 1.46 4.79
CA GLY A 153 -11.69 1.90 6.14
C GLY A 153 -13.17 1.81 6.48
N GLN A 154 -14.04 2.06 5.51
CA GLN A 154 -15.47 1.91 5.75
C GLN A 154 -15.89 0.46 5.81
N ALA A 155 -15.10 -0.45 5.26
CA ALA A 155 -15.37 -1.88 5.38
C ALA A 155 -14.87 -2.45 6.70
N LEU A 156 -14.11 -1.69 7.47
CA LEU A 156 -13.76 -2.05 8.84
C LEU A 156 -14.81 -1.60 9.83
N ARG A 157 -15.66 -0.67 9.44
CA ARG A 157 -16.74 -0.20 10.31
C ARG A 157 -17.80 -1.28 10.46
N HIS A 158 -18.27 -1.82 9.35
CA HIS A 158 -19.18 -2.95 9.37
C HIS A 158 -18.37 -4.23 9.39
N ASP A 159 -18.94 -5.29 9.99
CA ASP A 159 -18.21 -6.54 10.13
C ASP A 159 -18.15 -7.26 8.80
N THR A 160 -17.03 -7.10 8.10
CA THR A 160 -16.72 -7.84 6.88
C THR A 160 -15.57 -8.78 7.19
N HIS A 161 -15.77 -10.07 6.97
CA HIS A 161 -14.78 -11.07 7.37
C HIS A 161 -13.75 -11.21 6.25
N PHE A 162 -12.68 -10.43 6.34
CA PHE A 162 -11.62 -10.51 5.34
C PHE A 162 -10.81 -11.79 5.51
N PHE A 163 -10.51 -12.44 4.38
CA PHE A 163 -9.61 -13.59 4.34
C PHE A 163 -8.46 -13.19 3.45
N ILE A 164 -7.49 -12.51 4.02
CA ILE A 164 -6.44 -11.87 3.24
C ILE A 164 -5.40 -12.91 2.84
N GLU A 165 -4.90 -12.78 1.61
CA GLU A 165 -3.87 -13.63 1.02
C GLU A 165 -4.32 -15.08 0.92
N TYR A 166 -5.41 -15.26 0.19
CA TYR A 166 -5.96 -16.56 -0.19
C TYR A 166 -6.02 -16.62 -1.71
N PHE A 167 -5.57 -17.70 -2.30
CA PHE A 167 -5.69 -17.91 -3.74
C PHE A 167 -6.92 -18.76 -4.01
N ALA A 168 -7.89 -18.21 -4.73
CA ALA A 168 -9.14 -18.91 -5.02
C ALA A 168 -8.93 -19.76 -6.26
N LEU A 169 -9.01 -21.08 -6.09
CA LEU A 169 -8.68 -21.99 -7.18
C LEU A 169 -9.80 -22.08 -8.20
N ASP A 170 -10.96 -22.61 -7.80
CA ASP A 170 -12.06 -22.87 -8.72
C ASP A 170 -13.37 -22.47 -8.06
N LEU A 171 -14.47 -22.86 -8.70
CA LEU A 171 -15.82 -22.71 -8.18
C LEU A 171 -16.40 -24.09 -7.90
N LEU A 172 -17.32 -24.16 -6.94
CA LEU A 172 -18.03 -25.39 -6.65
C LEU A 172 -19.39 -25.34 -7.35
N THR A 173 -19.70 -26.39 -8.10
CA THR A 173 -20.93 -26.45 -8.89
C THR A 173 -21.72 -27.69 -8.53
N HIS A 174 -23.04 -27.59 -8.63
CA HIS A 174 -23.90 -28.76 -8.41
C HIS A 174 -25.11 -28.63 -9.32
N ASN A 175 -25.03 -29.27 -10.49
CA ASN A 175 -26.11 -29.32 -11.50
C ASN A 175 -26.51 -27.92 -11.97
N GLY A 176 -25.55 -27.25 -12.60
CA GLY A 176 -25.80 -26.00 -13.28
C GLY A 176 -25.82 -24.76 -12.43
N GLU A 177 -25.72 -24.89 -11.11
CA GLU A 177 -25.69 -23.76 -10.21
C GLU A 177 -24.45 -23.83 -9.34
N VAL A 178 -24.06 -22.70 -8.78
CA VAL A 178 -22.85 -22.63 -7.95
C VAL A 178 -23.26 -22.50 -6.50
N VAL A 179 -22.39 -23.00 -5.62
CA VAL A 179 -22.61 -22.96 -4.18
C VAL A 179 -21.41 -22.41 -3.41
N GLY A 180 -20.36 -21.96 -4.08
CA GLY A 180 -19.23 -21.42 -3.36
C GLY A 180 -17.89 -21.71 -4.01
N VAL A 181 -16.80 -21.31 -3.36
CA VAL A 181 -15.46 -21.39 -3.94
C VAL A 181 -14.61 -22.32 -3.09
N ILE A 182 -13.46 -22.70 -3.64
CA ILE A 182 -12.45 -23.46 -2.92
C ILE A 182 -11.12 -22.73 -3.02
N ALA A 183 -10.59 -22.28 -1.87
CA ALA A 183 -9.46 -21.38 -1.84
C ALA A 183 -8.26 -22.07 -1.19
N TYR A 184 -7.07 -21.52 -1.44
CA TYR A 184 -5.82 -22.08 -0.96
C TYR A 184 -5.10 -21.00 -0.17
N ASN A 185 -4.96 -21.22 1.14
CA ASN A 185 -4.27 -20.28 2.01
C ASN A 185 -2.77 -20.34 1.75
N GLN A 186 -2.14 -19.18 1.66
CA GLN A 186 -0.71 -19.15 1.35
C GLN A 186 0.15 -19.16 2.61
N GLU A 187 -0.37 -18.69 3.73
CA GLU A 187 0.44 -18.51 4.93
C GLU A 187 0.79 -19.82 5.60
N ASP A 188 -0.08 -20.82 5.53
CA ASP A 188 0.18 -22.12 6.15
C ASP A 188 -0.14 -23.31 5.26
N GLY A 189 -0.76 -23.09 4.11
CA GLY A 189 -0.94 -24.15 3.14
C GLY A 189 -2.12 -25.06 3.36
N THR A 190 -3.27 -24.53 3.72
CA THR A 190 -4.48 -25.32 3.90
C THR A 190 -5.48 -24.96 2.82
N ILE A 191 -6.23 -25.95 2.37
CA ILE A 191 -7.27 -25.76 1.36
C ILE A 191 -8.58 -25.52 2.08
N HIS A 192 -9.34 -24.51 1.63
CA HIS A 192 -10.53 -24.06 2.33
C HIS A 192 -11.72 -24.17 1.40
N ARG A 193 -12.81 -24.76 1.89
CA ARG A 193 -14.03 -24.92 1.07
C ARG A 193 -15.12 -23.98 1.58
N PHE A 194 -15.29 -22.82 0.95
CA PHE A 194 -16.27 -21.83 1.33
C PHE A 194 -17.61 -22.17 0.68
N ARG A 195 -18.59 -22.50 1.49
CA ARG A 195 -19.94 -22.72 1.00
C ARG A 195 -20.71 -21.42 1.11
N ALA A 196 -21.47 -21.09 0.06
CA ALA A 196 -22.16 -19.82 0.02
C ALA A 196 -23.50 -20.00 -0.67
N HIS A 197 -24.35 -18.98 -0.56
CA HIS A 197 -25.60 -18.93 -1.31
C HIS A 197 -25.46 -18.15 -2.60
N LYS A 198 -24.79 -16.99 -2.55
CA LYS A 198 -24.43 -16.21 -3.72
C LYS A 198 -22.95 -15.97 -3.67
N THR A 199 -22.26 -16.13 -4.79
CA THR A 199 -20.86 -15.77 -4.87
C THR A 199 -20.66 -14.66 -5.90
N ILE A 200 -19.76 -13.74 -5.57
CA ILE A 200 -19.53 -12.53 -6.37
C ILE A 200 -18.08 -12.52 -6.80
N ILE A 201 -17.83 -12.24 -8.07
CA ILE A 201 -16.50 -12.28 -8.66
C ILE A 201 -16.13 -10.86 -9.07
N ALA A 202 -15.05 -10.34 -8.49
CA ALA A 202 -14.55 -9.00 -8.78
C ALA A 202 -13.04 -9.03 -8.91
N THR A 203 -12.53 -9.96 -9.71
CA THR A 203 -11.10 -10.28 -9.73
C THR A 203 -10.30 -9.49 -10.76
N GLY A 204 -10.87 -8.45 -11.37
CA GLY A 204 -10.12 -7.60 -12.26
C GLY A 204 -9.83 -8.25 -13.62
N GLY A 205 -9.18 -7.47 -14.47
CA GLY A 205 -8.95 -7.89 -15.84
C GLY A 205 -7.67 -8.66 -16.01
N TYR A 206 -7.39 -9.01 -17.27
CA TYR A 206 -6.16 -9.71 -17.63
C TYR A 206 -5.35 -8.82 -18.56
N GLY A 207 -4.12 -8.52 -18.16
CA GLY A 207 -3.28 -7.71 -19.02
C GLY A 207 -1.95 -8.38 -19.22
N ARG A 208 -1.64 -9.33 -18.36
CA ARG A 208 -0.35 -9.99 -18.39
C ARG A 208 -0.28 -11.10 -19.43
N ALA A 209 -1.34 -11.31 -20.22
CA ALA A 209 -1.24 -12.19 -21.37
C ALA A 209 -0.38 -11.56 -22.46
N TYR A 210 -0.35 -10.24 -22.53
CA TYR A 210 0.42 -9.53 -23.53
C TYR A 210 1.84 -9.30 -23.04
N PHE A 211 2.72 -8.87 -23.95
CA PHE A 211 4.13 -8.71 -23.60
C PHE A 211 4.33 -7.48 -22.71
N SER A 212 4.01 -6.31 -23.22
CA SER A 212 4.12 -5.07 -22.46
C SER A 212 2.73 -4.52 -22.21
N CYS A 213 2.39 -4.35 -20.93
CA CYS A 213 1.08 -3.87 -20.54
C CYS A 213 1.24 -2.86 -19.42
N THR A 214 0.18 -2.09 -19.17
CA THR A 214 0.15 -1.18 -18.03
C THR A 214 -0.48 -1.82 -16.81
N SER A 215 -0.84 -3.10 -16.88
CA SER A 215 -1.42 -3.78 -15.74
C SER A 215 -0.36 -4.13 -14.72
N ALA A 216 -0.80 -4.66 -13.59
CA ALA A 216 0.08 -5.00 -12.49
C ALA A 216 0.76 -6.34 -12.79
N HIS A 217 1.57 -6.84 -11.85
CA HIS A 217 2.08 -8.20 -12.01
C HIS A 217 1.04 -9.22 -11.62
N THR A 218 0.17 -8.88 -10.66
CA THR A 218 -0.87 -9.76 -10.19
C THR A 218 -2.18 -9.57 -10.93
N CYS A 219 -2.17 -8.83 -12.03
CA CYS A 219 -3.37 -8.51 -12.79
C CYS A 219 -3.62 -9.52 -13.91
N THR A 220 -3.59 -10.81 -13.55
CA THR A 220 -3.90 -11.87 -14.49
C THR A 220 -5.42 -12.09 -14.52
N GLY A 221 -5.87 -12.97 -15.40
CA GLY A 221 -7.28 -13.26 -15.48
C GLY A 221 -7.64 -14.45 -14.63
N ASP A 222 -8.15 -14.20 -13.43
CA ASP A 222 -8.36 -15.27 -12.47
C ASP A 222 -9.84 -15.54 -12.17
N GLY A 223 -10.73 -14.67 -12.59
CA GLY A 223 -12.14 -14.94 -12.43
C GLY A 223 -12.78 -15.30 -13.75
N ASN A 224 -12.16 -14.85 -14.84
CA ASN A 224 -12.61 -15.25 -16.17
C ASN A 224 -12.22 -16.69 -16.50
N ALA A 225 -11.19 -17.22 -15.86
CA ALA A 225 -10.83 -18.62 -16.03
C ALA A 225 -11.53 -19.53 -15.04
N MET A 226 -11.92 -19.03 -13.86
CA MET A 226 -12.75 -19.80 -12.95
C MET A 226 -14.16 -19.99 -13.48
N VAL A 227 -14.64 -19.06 -14.31
CA VAL A 227 -15.98 -19.16 -14.86
C VAL A 227 -16.02 -20.12 -16.04
N SER A 228 -15.10 -19.97 -16.99
CA SER A 228 -15.10 -20.80 -18.18
C SER A 228 -14.66 -22.23 -17.90
N ARG A 229 -13.96 -22.47 -16.79
CA ARG A 229 -13.66 -23.85 -16.40
C ARG A 229 -14.89 -24.57 -15.85
N ALA A 230 -15.95 -23.85 -15.53
CA ALA A 230 -17.19 -24.46 -15.06
C ALA A 230 -18.18 -24.70 -16.19
N GLY A 231 -17.90 -24.22 -17.40
CA GLY A 231 -18.75 -24.44 -18.55
C GLY A 231 -19.59 -23.27 -18.98
N PHE A 232 -19.38 -22.13 -18.44
CA PHE A 232 -20.10 -20.89 -18.68
C PHE A 232 -19.32 -20.01 -19.66
N PRO A 233 -19.97 -19.16 -20.45
CA PRO A 233 -19.26 -18.43 -21.49
C PRO A 233 -18.62 -17.15 -21.00
N LEU A 234 -17.73 -16.61 -21.83
CA LEU A 234 -17.17 -15.29 -21.66
C LEU A 234 -17.54 -14.44 -22.86
N GLN A 235 -17.74 -13.15 -22.63
CA GLN A 235 -18.38 -12.28 -23.60
C GLN A 235 -17.43 -11.15 -24.00
N ASP A 236 -17.39 -10.87 -25.31
CA ASP A 236 -16.71 -9.72 -25.90
C ASP A 236 -15.21 -9.72 -25.60
N LEU A 237 -14.58 -10.87 -25.77
CA LEU A 237 -13.19 -10.99 -25.35
C LEU A 237 -12.22 -10.41 -26.37
N GLU A 238 -12.67 -10.02 -27.55
CA GLU A 238 -11.77 -9.54 -28.59
C GLU A 238 -11.47 -8.05 -28.48
N PHE A 239 -12.15 -7.33 -27.60
CA PHE A 239 -12.03 -5.87 -27.50
C PHE A 239 -11.10 -5.52 -26.35
N VAL A 240 -9.81 -5.42 -26.64
CA VAL A 240 -8.83 -4.93 -25.68
C VAL A 240 -8.40 -3.54 -26.10
N GLN A 241 -8.07 -2.71 -25.11
CA GLN A 241 -7.77 -1.30 -25.36
C GLN A 241 -6.27 -1.07 -25.32
N PHE A 242 -5.78 -0.34 -26.31
CA PHE A 242 -4.37 0.02 -26.39
C PHE A 242 -4.26 1.49 -26.04
N HIS A 243 -3.58 1.79 -24.95
CA HIS A 243 -3.44 3.17 -24.51
C HIS A 243 -2.52 3.93 -25.46
N PRO A 244 -2.76 5.21 -25.71
CA PRO A 244 -1.84 5.97 -26.57
C PRO A 244 -0.52 6.30 -25.89
N SER A 245 -0.48 6.36 -24.55
CA SER A 245 0.69 6.84 -23.83
C SER A 245 1.15 5.79 -22.82
N GLY A 246 2.38 5.34 -22.96
CA GLY A 246 2.98 4.43 -22.01
C GLY A 246 4.49 4.43 -22.19
N ILE A 247 5.21 4.18 -21.08
CA ILE A 247 6.66 4.30 -21.06
C ILE A 247 7.30 3.19 -21.90
N TYR A 248 8.25 3.59 -22.75
CA TYR A 248 8.97 2.68 -23.62
C TYR A 248 9.75 1.65 -22.82
N GLY A 249 9.64 0.38 -23.20
CA GLY A 249 10.39 -0.68 -22.55
C GLY A 249 9.68 -1.40 -21.43
N SER A 250 9.38 -0.69 -20.34
CA SER A 250 8.77 -1.30 -19.16
C SER A 250 7.25 -1.38 -19.28
N GLY A 251 6.59 -0.23 -19.42
CA GLY A 251 5.16 -0.21 -19.64
C GLY A 251 4.40 0.63 -18.64
N CYS A 252 5.08 1.53 -17.92
CA CYS A 252 4.40 2.39 -16.97
C CYS A 252 3.54 3.41 -17.69
N LEU A 253 2.52 3.89 -17.00
CA LEU A 253 1.49 4.73 -17.60
C LEU A 253 1.59 6.14 -17.07
N ILE A 254 1.74 7.11 -17.97
CA ILE A 254 1.52 8.50 -17.63
C ILE A 254 0.04 8.79 -17.86
N THR A 255 -0.48 9.78 -17.14
CA THR A 255 -1.92 9.89 -16.96
C THR A 255 -2.62 10.35 -18.23
N GLU A 256 -3.93 10.13 -18.26
CA GLU A 256 -4.75 10.61 -19.36
C GLU A 256 -4.96 12.11 -19.29
N GLY A 257 -4.80 12.71 -18.11
CA GLY A 257 -4.86 14.14 -17.91
C GLY A 257 -3.60 14.89 -18.28
N ALA A 258 -2.57 14.18 -18.75
CA ALA A 258 -1.40 14.84 -19.29
C ALA A 258 -1.72 15.56 -20.58
N ARG A 259 -2.55 14.96 -21.43
CA ARG A 259 -3.12 15.62 -22.59
C ARG A 259 -4.43 16.33 -22.26
N GLY A 260 -4.84 16.31 -21.00
CA GLY A 260 -6.08 16.94 -20.59
C GLY A 260 -5.99 18.45 -20.52
N GLU A 261 -5.07 18.97 -19.71
CA GLU A 261 -4.83 20.41 -19.64
C GLU A 261 -3.44 20.68 -20.26
N GLY A 262 -3.41 20.71 -21.58
CA GLY A 262 -2.19 21.05 -22.30
C GLY A 262 -1.35 19.83 -22.60
N GLY A 263 -1.38 19.36 -23.84
CA GLY A 263 -0.57 18.21 -24.20
C GLY A 263 -0.42 18.07 -25.70
N PHE A 264 0.82 17.94 -26.18
CA PHE A 264 1.13 17.97 -27.60
C PHE A 264 1.82 16.67 -27.99
N LEU A 265 1.20 15.91 -28.87
CA LEU A 265 1.86 14.77 -29.47
C LEU A 265 2.90 15.28 -30.48
N VAL A 266 4.17 14.97 -30.25
CA VAL A 266 5.27 15.52 -31.03
C VAL A 266 5.98 14.38 -31.76
N ASN A 267 6.00 14.45 -33.08
CA ASN A 267 6.67 13.47 -33.92
C ASN A 267 8.14 13.85 -34.10
N SER A 268 8.79 13.21 -35.08
CA SER A 268 10.17 13.57 -35.42
C SER A 268 10.27 14.97 -36.00
N GLU A 269 9.25 15.42 -36.72
CA GLU A 269 9.25 16.76 -37.28
C GLU A 269 8.83 17.83 -36.27
N GLY A 270 8.05 17.47 -35.27
CA GLY A 270 7.66 18.42 -34.25
C GLY A 270 6.41 19.22 -34.56
N GLU A 271 5.34 18.55 -34.97
CA GLU A 271 4.08 19.22 -35.29
C GLU A 271 2.93 18.50 -34.60
N ARG A 272 1.95 19.28 -34.15
CA ARG A 272 0.81 18.74 -33.42
C ARG A 272 -0.08 17.91 -34.33
N PHE A 273 -0.50 16.75 -33.83
CA PHE A 273 -1.27 15.78 -34.62
C PHE A 273 -2.73 16.18 -34.67
N MET A 274 -3.05 17.05 -35.64
CA MET A 274 -4.42 17.43 -35.91
C MET A 274 -4.93 16.94 -37.25
N GLU A 275 -4.05 16.75 -38.23
CA GLU A 275 -4.47 16.45 -39.59
C GLU A 275 -3.31 15.80 -40.34
N ARG A 276 -3.42 15.78 -41.67
CA ARG A 276 -2.43 15.55 -42.73
C ARG A 276 -1.86 14.14 -42.80
N TYR A 277 -1.97 13.32 -41.75
CA TYR A 277 -1.85 11.89 -42.01
C TYR A 277 -2.94 11.07 -41.35
N ALA A 278 -2.89 11.01 -40.02
CA ALA A 278 -3.77 10.17 -39.21
C ALA A 278 -5.08 10.78 -38.74
N PRO A 279 -5.11 11.89 -37.95
CA PRO A 279 -6.26 12.10 -37.07
C PRO A 279 -7.39 12.90 -37.68
N THR A 280 -8.43 13.14 -36.88
CA THR A 280 -9.48 14.08 -37.22
C THR A 280 -9.17 15.45 -36.63
N ALA A 281 -10.02 16.43 -36.93
CA ALA A 281 -9.72 17.84 -36.67
C ALA A 281 -9.85 18.24 -35.20
N LYS A 282 -9.96 17.29 -34.27
CA LYS A 282 -10.00 17.57 -32.85
C LYS A 282 -8.88 16.79 -32.16
N ASP A 283 -8.11 17.46 -31.33
CA ASP A 283 -7.14 16.79 -30.49
C ASP A 283 -7.83 16.17 -29.28
N LEU A 284 -7.19 15.16 -28.69
CA LEU A 284 -7.68 14.40 -27.54
C LEU A 284 -9.04 13.75 -27.87
N ALA A 285 -8.98 12.79 -28.77
CA ALA A 285 -10.12 11.95 -29.10
C ALA A 285 -10.12 10.73 -28.17
N CYS A 286 -10.93 9.72 -28.50
CA CYS A 286 -10.92 8.49 -27.72
C CYS A 286 -9.65 7.67 -28.01
N ARG A 287 -9.42 6.67 -27.16
CA ARG A 287 -8.20 5.88 -27.22
C ARG A 287 -8.23 4.78 -28.28
N ASP A 288 -9.17 4.81 -29.22
CA ASP A 288 -9.03 3.99 -30.41
C ASP A 288 -8.66 4.81 -31.65
N VAL A 289 -8.99 6.09 -31.64
CA VAL A 289 -8.58 6.98 -32.72
C VAL A 289 -7.13 7.40 -32.56
N VAL A 290 -6.79 7.95 -31.39
CA VAL A 290 -5.44 8.48 -31.16
C VAL A 290 -4.42 7.39 -30.88
N SER A 291 -4.85 6.14 -30.69
CA SER A 291 -3.92 5.02 -30.56
C SER A 291 -3.67 4.33 -31.88
N ARG A 292 -4.63 4.37 -32.80
CA ARG A 292 -4.38 3.98 -34.18
C ARG A 292 -3.67 5.08 -34.95
N ALA A 293 -3.63 6.29 -34.40
CA ALA A 293 -2.86 7.36 -35.02
C ALA A 293 -1.37 7.18 -34.80
N ILE A 294 -0.98 6.72 -33.61
CA ILE A 294 0.44 6.63 -33.28
C ILE A 294 1.09 5.41 -33.94
N THR A 295 0.41 4.26 -33.92
CA THR A 295 1.03 3.02 -34.39
C THR A 295 1.19 3.01 -35.91
N MET A 296 0.46 3.85 -36.63
CA MET A 296 0.64 3.99 -38.07
C MET A 296 1.58 5.14 -38.42
N GLU A 297 1.97 5.96 -37.45
CA GLU A 297 2.91 7.05 -37.73
C GLU A 297 4.34 6.52 -37.84
N ILE A 298 4.74 5.65 -36.92
CA ILE A 298 6.08 5.08 -36.94
C ILE A 298 6.26 4.01 -38.01
N ARG A 299 5.16 3.54 -38.61
CA ARG A 299 5.25 2.50 -39.63
C ARG A 299 5.42 3.06 -41.04
N GLU A 300 5.02 4.32 -41.27
CA GLU A 300 5.05 4.87 -42.62
C GLU A 300 6.32 5.65 -42.91
N GLY A 301 7.04 6.11 -41.90
CA GLY A 301 8.29 6.80 -42.14
C GLY A 301 8.63 7.94 -41.20
N ARG A 302 7.69 8.36 -40.37
CA ARG A 302 7.95 9.43 -39.42
C ARG A 302 8.57 8.90 -38.13
N GLY A 303 9.77 8.35 -38.26
CA GLY A 303 10.38 7.64 -37.15
C GLY A 303 11.15 8.51 -36.19
N VAL A 304 10.49 8.87 -35.09
CA VAL A 304 11.17 9.53 -34.00
C VAL A 304 11.79 8.48 -33.08
N GLY A 305 12.86 8.84 -32.39
CA GLY A 305 13.44 8.01 -31.35
C GLY A 305 14.79 7.45 -31.76
N LYS A 306 15.08 6.25 -31.27
CA LYS A 306 16.37 5.60 -31.46
C LYS A 306 16.29 4.42 -32.43
N LYS A 307 15.29 3.55 -32.26
CA LYS A 307 15.06 2.45 -33.18
C LYS A 307 13.79 2.67 -34.01
N LYS A 308 13.43 3.95 -34.24
CA LYS A 308 12.27 4.37 -35.05
C LYS A 308 10.95 3.84 -34.51
N ASP A 309 10.81 3.74 -33.18
CA ASP A 309 9.55 3.38 -32.53
C ASP A 309 9.50 4.14 -31.20
N HIS A 310 8.79 5.26 -31.20
CA HIS A 310 8.86 6.24 -30.12
C HIS A 310 7.77 7.27 -30.35
N MET A 311 7.63 8.17 -29.38
CA MET A 311 6.80 9.37 -29.50
C MET A 311 7.21 10.32 -28.38
N TYR A 312 6.88 11.60 -28.56
CA TYR A 312 7.12 12.63 -27.56
C TYR A 312 5.78 13.25 -27.16
N LEU A 313 5.63 13.58 -25.88
CA LEU A 313 4.48 14.33 -25.39
C LEU A 313 5.01 15.57 -24.69
N GLN A 314 4.72 16.74 -25.27
CA GLN A 314 5.30 17.99 -24.79
C GLN A 314 4.65 18.44 -23.49
N LEU A 315 5.47 18.90 -22.55
CA LEU A 315 4.96 19.43 -21.28
C LEU A 315 5.67 20.68 -20.81
N SER A 316 6.61 21.22 -21.58
CA SER A 316 7.32 22.45 -21.20
C SER A 316 6.48 23.70 -21.41
N HIS A 317 5.38 23.60 -22.16
CA HIS A 317 4.53 24.75 -22.42
C HIS A 317 3.67 25.14 -21.23
N LEU A 318 3.43 24.22 -20.31
CA LEU A 318 2.59 24.47 -19.16
C LEU A 318 3.32 25.31 -18.11
N PRO A 319 2.59 26.05 -17.28
CA PRO A 319 3.25 26.70 -16.14
C PRO A 319 3.67 25.69 -15.10
N PRO A 320 4.66 26.02 -14.26
CA PRO A 320 5.07 25.06 -13.21
C PRO A 320 4.09 24.93 -12.05
N GLU A 321 3.08 25.82 -11.97
CA GLU A 321 2.04 25.67 -10.96
C GLU A 321 1.15 24.46 -11.22
N VAL A 322 0.88 24.15 -12.50
CA VAL A 322 0.07 23.00 -12.85
C VAL A 322 0.78 21.70 -12.56
N LEU A 323 2.11 21.66 -12.71
CA LEU A 323 2.89 20.44 -12.56
C LEU A 323 3.20 20.09 -11.11
N LYS A 324 2.57 20.74 -10.14
CA LYS A 324 2.70 20.36 -8.74
C LYS A 324 1.37 20.26 -8.02
N GLU A 325 0.35 21.04 -8.39
CA GLU A 325 -0.95 21.02 -7.74
C GLU A 325 -1.87 19.98 -8.36
N ARG A 326 -2.06 20.04 -9.68
CA ARG A 326 -3.01 19.16 -10.34
C ARG A 326 -2.44 17.79 -10.64
N LEU A 327 -1.13 17.66 -10.79
CA LEU A 327 -0.50 16.35 -11.03
C LEU A 327 0.96 16.35 -10.54
N PRO A 328 1.19 16.04 -9.26
CA PRO A 328 2.57 15.87 -8.78
C PRO A 328 3.14 14.47 -8.95
N GLY A 329 2.30 13.44 -8.94
CA GLY A 329 2.80 12.07 -9.01
C GLY A 329 3.23 11.61 -10.38
N ILE A 330 2.97 12.40 -11.41
CA ILE A 330 3.45 12.13 -12.75
C ILE A 330 4.82 12.77 -12.97
N SER A 331 5.14 13.83 -12.22
CA SER A 331 6.48 14.43 -12.26
C SER A 331 7.55 13.48 -11.75
N GLU A 332 7.20 12.58 -10.83
CA GLU A 332 8.18 11.67 -10.26
C GLU A 332 8.27 10.33 -10.98
N THR A 333 7.15 9.81 -11.48
CA THR A 333 7.14 8.50 -12.11
C THR A 333 7.62 8.52 -13.56
N ALA A 334 7.97 9.69 -14.09
CA ALA A 334 8.59 9.79 -15.40
C ALA A 334 10.09 10.02 -15.31
N ALA A 335 10.61 10.42 -14.15
CA ALA A 335 12.02 10.69 -13.96
C ALA A 335 12.77 9.51 -13.36
N ILE A 336 12.15 8.34 -13.27
CA ILE A 336 12.77 7.17 -12.65
C ILE A 336 12.94 6.07 -13.67
N PHE A 337 11.83 5.60 -14.24
CA PHE A 337 11.86 4.52 -15.21
C PHE A 337 12.30 4.99 -16.59
N ALA A 338 12.24 6.29 -16.85
CA ALA A 338 12.81 6.91 -18.04
C ALA A 338 14.05 7.73 -17.74
N GLY A 339 13.98 8.57 -16.70
CA GLY A 339 15.12 9.38 -16.31
C GLY A 339 15.11 10.76 -16.92
N VAL A 340 13.91 11.31 -17.13
CA VAL A 340 13.74 12.63 -17.73
C VAL A 340 12.65 13.36 -16.95
N ASP A 341 12.83 14.67 -16.78
CA ASP A 341 11.86 15.47 -16.05
C ASP A 341 10.68 15.84 -16.95
N VAL A 342 9.72 16.57 -16.38
CA VAL A 342 8.45 16.87 -17.03
C VAL A 342 8.28 18.36 -17.29
N THR A 343 9.31 19.16 -17.07
CA THR A 343 9.20 20.61 -17.25
C THR A 343 10.00 21.18 -18.41
N LYS A 344 10.99 20.45 -18.94
CA LYS A 344 11.84 20.98 -19.99
C LYS A 344 11.91 20.10 -21.23
N GLU A 345 11.84 18.79 -21.09
CA GLU A 345 12.02 17.89 -22.22
C GLU A 345 10.91 16.85 -22.25
N PRO A 346 10.50 16.41 -23.43
CA PRO A 346 9.38 15.46 -23.52
C PRO A 346 9.77 14.05 -23.14
N ILE A 347 8.81 13.33 -22.57
CA ILE A 347 9.05 11.99 -22.03
C ILE A 347 8.65 10.94 -23.07
N PRO A 348 9.31 9.78 -23.07
CA PRO A 348 9.00 8.73 -24.06
C PRO A 348 7.60 8.16 -23.93
N ILE A 349 7.01 7.82 -25.08
CA ILE A 349 5.62 7.35 -25.20
C ILE A 349 5.57 6.21 -26.20
N ILE A 350 5.00 5.07 -25.79
CA ILE A 350 4.77 3.89 -26.63
C ILE A 350 3.38 3.35 -26.34
N PRO A 351 2.58 3.01 -27.36
CA PRO A 351 1.26 2.41 -27.10
C PRO A 351 1.35 0.98 -26.56
N THR A 352 0.74 0.76 -25.39
CA THR A 352 0.70 -0.53 -24.70
C THR A 352 -0.74 -0.84 -24.31
N VAL A 353 -0.95 -2.08 -23.84
CA VAL A 353 -2.29 -2.56 -23.50
C VAL A 353 -2.73 -1.96 -22.18
N HIS A 354 -3.97 -1.45 -22.13
CA HIS A 354 -4.46 -0.76 -20.95
C HIS A 354 -5.65 -1.46 -20.30
N TYR A 355 -6.73 -1.70 -21.04
CA TYR A 355 -8.00 -2.10 -20.45
C TYR A 355 -8.58 -3.27 -21.23
N ASN A 356 -9.39 -4.07 -20.55
CA ASN A 356 -10.01 -5.25 -21.14
C ASN A 356 -11.51 -5.20 -20.91
N MET A 357 -12.28 -4.99 -21.98
CA MET A 357 -13.72 -4.87 -21.90
C MET A 357 -14.44 -6.20 -22.05
N GLY A 358 -13.72 -7.31 -21.92
CA GLY A 358 -14.34 -8.61 -21.95
C GLY A 358 -14.39 -9.24 -20.57
N GLY A 359 -15.33 -10.16 -20.37
CA GLY A 359 -15.45 -10.79 -19.07
C GLY A 359 -16.74 -11.56 -18.98
N ILE A 360 -17.20 -11.74 -17.76
CA ILE A 360 -18.43 -12.51 -17.48
C ILE A 360 -19.63 -11.74 -18.01
N PRO A 361 -20.49 -12.35 -18.83
CA PRO A 361 -21.67 -11.64 -19.33
C PRO A 361 -22.68 -11.44 -18.22
N THR A 362 -23.09 -10.20 -18.01
CA THR A 362 -23.79 -9.82 -16.80
C THR A 362 -24.96 -8.92 -17.15
N LYS A 363 -26.09 -9.09 -16.45
CA LYS A 363 -27.22 -8.17 -16.55
C LYS A 363 -26.87 -6.82 -15.95
N TRP A 364 -27.82 -5.88 -16.00
CA TRP A 364 -27.55 -4.53 -15.43
C TRP A 364 -27.58 -4.60 -13.91
N ASN A 365 -28.25 -5.60 -13.34
CA ASN A 365 -28.41 -5.66 -11.90
C ASN A 365 -27.41 -6.59 -11.22
N GLY A 366 -26.40 -7.06 -11.94
CA GLY A 366 -25.31 -7.80 -11.35
C GLY A 366 -25.33 -9.30 -11.60
N GLU A 367 -26.49 -9.87 -11.94
CA GLU A 367 -26.59 -11.32 -12.11
C GLU A 367 -25.88 -11.76 -13.38
N ALA A 368 -25.11 -12.84 -13.29
CA ALA A 368 -24.37 -13.35 -14.43
C ALA A 368 -25.34 -13.99 -15.43
N LEU A 369 -24.83 -14.25 -16.64
CA LEU A 369 -25.67 -14.75 -17.72
C LEU A 369 -25.04 -15.96 -18.39
N THR A 370 -25.91 -16.73 -19.02
CA THR A 370 -25.53 -17.74 -20.01
C THR A 370 -26.70 -17.85 -20.98
N ILE A 371 -26.56 -18.71 -21.99
CA ILE A 371 -27.63 -18.87 -22.97
C ILE A 371 -28.07 -20.31 -22.98
N ASP A 372 -29.34 -20.53 -23.35
CA ASP A 372 -29.86 -21.86 -23.53
C ASP A 372 -29.46 -22.37 -24.90
N GLU A 373 -28.93 -23.60 -24.95
CA GLU A 373 -28.26 -24.09 -26.15
C GLU A 373 -29.22 -24.42 -27.29
N GLU A 374 -30.53 -24.45 -27.03
CA GLU A 374 -31.49 -24.77 -28.06
C GLU A 374 -32.26 -23.58 -28.60
N THR A 375 -32.55 -22.57 -27.77
CA THR A 375 -33.33 -21.42 -28.23
C THR A 375 -32.50 -20.17 -28.41
N GLY A 376 -31.29 -20.12 -27.86
CA GLY A 376 -30.45 -18.95 -28.02
C GLY A 376 -30.91 -17.73 -27.25
N GLU A 377 -31.68 -17.93 -26.19
CA GLU A 377 -32.18 -16.84 -25.36
C GLU A 377 -31.47 -16.84 -24.03
N ASP A 378 -31.50 -15.70 -23.34
CA ASP A 378 -30.77 -15.50 -22.10
C ASP A 378 -31.36 -16.32 -20.96
N LYS A 379 -30.51 -16.62 -20.00
CA LYS A 379 -30.87 -17.43 -18.83
C LYS A 379 -29.81 -17.17 -17.77
N VAL A 380 -30.24 -16.80 -16.58
CA VAL A 380 -29.28 -16.46 -15.53
C VAL A 380 -28.67 -17.73 -14.95
N ILE A 381 -27.53 -17.57 -14.29
CA ILE A 381 -26.89 -18.65 -13.55
C ILE A 381 -27.28 -18.51 -12.09
N PRO A 382 -27.79 -19.55 -11.45
CA PRO A 382 -28.26 -19.40 -10.06
C PRO A 382 -27.09 -19.31 -9.10
N GLY A 383 -27.04 -18.22 -8.33
CA GLY A 383 -26.08 -18.09 -7.26
C GLY A 383 -24.77 -17.45 -7.63
N LEU A 384 -24.62 -16.90 -8.83
CA LEU A 384 -23.39 -16.28 -9.26
C LEU A 384 -23.66 -14.88 -9.77
N MET A 385 -22.86 -13.91 -9.31
CA MET A 385 -22.90 -12.53 -9.77
C MET A 385 -21.48 -12.10 -10.13
N ALA A 386 -21.34 -10.87 -10.61
CA ALA A 386 -20.04 -10.32 -10.99
C ALA A 386 -20.11 -8.80 -11.00
N CYS A 387 -18.96 -8.17 -10.83
CA CYS A 387 -18.85 -6.71 -10.85
C CYS A 387 -17.41 -6.33 -11.10
N GLY A 388 -17.22 -5.08 -11.53
CA GLY A 388 -15.87 -4.56 -11.70
C GLY A 388 -15.34 -4.65 -13.11
N GLU A 389 -14.06 -5.01 -13.26
CA GLU A 389 -13.46 -5.18 -14.56
C GLU A 389 -13.50 -6.63 -15.05
N ALA A 390 -13.79 -7.58 -14.16
CA ALA A 390 -14.00 -8.96 -14.55
C ALA A 390 -15.41 -9.25 -14.98
N ALA A 391 -16.21 -8.22 -15.23
CA ALA A 391 -17.60 -8.37 -15.63
C ALA A 391 -17.83 -7.50 -16.84
N CYS A 392 -18.50 -8.06 -17.85
CA CYS A 392 -18.84 -7.32 -19.06
C CYS A 392 -20.34 -7.08 -19.01
N VAL A 393 -20.73 -5.96 -18.40
CA VAL A 393 -22.10 -5.47 -18.47
C VAL A 393 -22.35 -4.79 -19.81
N SER A 394 -21.29 -4.58 -20.60
CA SER A 394 -21.26 -3.78 -21.81
C SER A 394 -21.79 -2.37 -21.54
N VAL A 395 -21.27 -1.77 -20.48
CA VAL A 395 -21.41 -0.34 -20.28
C VAL A 395 -20.28 0.39 -20.98
N HIS A 396 -19.27 -0.33 -21.46
CA HIS A 396 -18.20 0.22 -22.28
C HIS A 396 -18.28 -0.22 -23.73
N GLY A 397 -18.74 -1.44 -23.97
CA GLY A 397 -18.89 -1.93 -25.33
C GLY A 397 -17.59 -2.22 -26.03
N ALA A 398 -17.25 -1.40 -27.02
CA ALA A 398 -16.05 -1.61 -27.83
C ALA A 398 -14.98 -0.55 -27.61
N ASN A 399 -15.24 0.47 -26.80
CA ASN A 399 -14.25 1.49 -26.49
C ASN A 399 -14.64 2.17 -25.20
N ARG A 400 -13.77 2.08 -24.19
CA ARG A 400 -14.06 2.65 -22.88
C ARG A 400 -13.63 4.12 -22.86
N LEU A 401 -14.52 4.98 -22.40
CA LEU A 401 -14.18 6.38 -22.24
C LEU A 401 -13.22 6.59 -21.08
N GLY A 402 -12.61 7.76 -21.04
CA GLY A 402 -11.76 8.09 -19.92
C GLY A 402 -12.57 8.30 -18.66
N ALA A 403 -12.04 7.78 -17.55
CA ALA A 403 -12.57 7.94 -16.20
C ALA A 403 -13.96 7.34 -16.00
N ASN A 404 -14.40 6.46 -16.88
CA ASN A 404 -15.70 5.81 -16.75
C ASN A 404 -15.63 4.45 -16.08
N SER A 405 -14.44 3.92 -15.83
CA SER A 405 -14.32 2.60 -15.21
C SER A 405 -14.15 2.65 -13.71
N LEU A 406 -13.83 3.80 -13.14
CA LEU A 406 -13.93 3.96 -11.70
C LEU A 406 -15.35 4.25 -11.23
N LEU A 407 -16.23 4.65 -12.15
CA LEU A 407 -17.66 4.72 -11.89
C LEU A 407 -18.34 3.36 -12.05
N ASP A 408 -17.74 2.46 -12.82
CA ASP A 408 -18.25 1.10 -12.92
C ASP A 408 -18.17 0.37 -11.59
N LEU A 409 -17.08 0.55 -10.85
CA LEU A 409 -16.88 -0.18 -9.60
C LEU A 409 -17.81 0.33 -8.51
N VAL A 410 -18.01 1.64 -8.44
CA VAL A 410 -18.78 2.23 -7.36
C VAL A 410 -20.27 2.04 -7.57
N VAL A 411 -20.74 2.17 -8.82
CA VAL A 411 -22.18 2.05 -9.09
C VAL A 411 -22.58 0.60 -9.19
N PHE A 412 -21.93 -0.18 -10.05
CA PHE A 412 -22.30 -1.57 -10.25
C PHE A 412 -21.72 -2.50 -9.21
N GLY A 413 -21.02 -1.99 -8.21
CA GLY A 413 -20.64 -2.79 -7.07
C GLY A 413 -21.64 -2.54 -5.95
N ARG A 414 -22.40 -1.46 -6.10
CA ARG A 414 -23.47 -1.10 -5.18
C ARG A 414 -24.79 -1.72 -5.60
N ALA A 415 -25.03 -1.84 -6.91
CA ALA A 415 -26.24 -2.49 -7.41
C ALA A 415 -26.21 -3.98 -7.18
N VAL A 416 -25.04 -4.59 -6.99
CA VAL A 416 -24.96 -6.00 -6.62
C VAL A 416 -25.52 -6.22 -5.22
N ALA A 417 -25.22 -5.31 -4.30
CA ALA A 417 -25.69 -5.45 -2.93
C ALA A 417 -27.18 -5.17 -2.77
N HIS A 418 -27.83 -4.58 -3.76
CA HIS A 418 -29.26 -4.30 -3.67
C HIS A 418 -30.11 -5.43 -4.24
N THR A 419 -29.57 -6.20 -5.19
CA THR A 419 -30.31 -7.31 -5.77
C THR A 419 -30.00 -8.64 -5.10
N VAL A 420 -29.30 -8.63 -3.98
CA VAL A 420 -29.28 -9.77 -3.09
C VAL A 420 -30.27 -9.57 -1.94
N ALA A 421 -30.33 -8.35 -1.40
CA ALA A 421 -31.24 -8.03 -0.32
C ALA A 421 -32.70 -8.07 -0.76
N ASP A 422 -32.97 -7.84 -2.04
CA ASP A 422 -34.32 -8.00 -2.57
C ASP A 422 -34.54 -9.39 -3.16
N THR A 423 -33.64 -10.34 -2.86
CA THR A 423 -33.77 -11.68 -3.47
C THR A 423 -33.49 -12.80 -2.45
N LEU A 424 -32.70 -12.54 -1.41
CA LEU A 424 -32.36 -13.61 -0.44
C LEU A 424 -32.82 -13.17 0.95
N GLN A 425 -33.16 -14.12 1.81
CA GLN A 425 -33.54 -13.78 3.21
C GLN A 425 -32.34 -14.14 4.08
N PRO A 426 -31.88 -13.23 4.95
CA PRO A 426 -30.67 -13.48 5.72
C PRO A 426 -30.73 -14.82 6.47
N GLY A 427 -29.80 -15.68 6.20
CA GLY A 427 -29.64 -16.92 6.97
C GLY A 427 -30.62 -18.01 6.56
N LEU A 428 -30.21 -19.05 5.95
CA LEU A 428 -31.13 -20.12 5.50
C LEU A 428 -30.28 -21.37 5.33
N PRO A 429 -30.64 -22.52 5.93
CA PRO A 429 -29.79 -23.69 5.91
C PRO A 429 -29.21 -24.00 4.54
N HIS A 430 -27.99 -24.55 4.50
CA HIS A 430 -27.33 -24.92 3.22
C HIS A 430 -27.65 -26.38 2.88
N LYS A 431 -27.68 -26.74 1.60
CA LYS A 431 -28.01 -28.06 1.13
C LYS A 431 -26.92 -29.06 1.54
N PRO A 432 -27.28 -30.30 1.86
CA PRO A 432 -26.27 -31.34 2.07
C PRO A 432 -25.70 -31.81 0.74
N LEU A 433 -24.38 -31.73 0.61
CA LEU A 433 -23.67 -32.03 -0.63
C LEU A 433 -22.76 -33.24 -0.36
N PRO A 434 -22.19 -33.88 -1.38
CA PRO A 434 -21.23 -34.97 -1.10
C PRO A 434 -19.97 -34.48 -0.42
N SER A 435 -19.25 -35.43 0.19
CA SER A 435 -18.05 -35.13 0.94
C SER A 435 -16.85 -34.81 0.07
N ASP A 436 -16.92 -35.12 -1.23
CA ASP A 436 -15.82 -34.84 -2.15
C ASP A 436 -16.16 -33.71 -3.11
N LEU A 437 -16.81 -32.67 -2.61
CA LEU A 437 -17.03 -31.47 -3.39
C LEU A 437 -15.71 -30.73 -3.57
N GLY A 438 -15.42 -30.33 -4.80
CA GLY A 438 -14.14 -29.72 -5.08
C GLY A 438 -12.98 -30.69 -5.09
N LYS A 439 -13.14 -31.85 -5.70
CA LYS A 439 -12.09 -32.85 -5.73
C LYS A 439 -11.25 -32.78 -6.99
N GLU A 440 -11.78 -32.21 -8.08
CA GLU A 440 -11.01 -32.07 -9.31
C GLU A 440 -10.08 -30.87 -9.26
N SER A 441 -10.28 -29.97 -8.30
CA SER A 441 -9.44 -28.82 -8.10
C SER A 441 -8.29 -29.09 -7.15
N ILE A 442 -8.38 -30.19 -6.40
CA ILE A 442 -7.27 -30.65 -5.57
C ILE A 442 -6.27 -31.43 -6.41
N ALA A 443 -6.77 -32.31 -7.28
CA ALA A 443 -5.91 -33.08 -8.15
C ALA A 443 -5.24 -32.23 -9.23
N ASN A 444 -5.80 -31.06 -9.54
CA ASN A 444 -5.13 -30.12 -10.42
C ASN A 444 -4.13 -29.25 -9.67
N LEU A 445 -4.28 -29.13 -8.36
CA LEU A 445 -3.23 -28.53 -7.56
C LEU A 445 -2.12 -29.54 -7.27
N ASP A 446 -2.46 -30.82 -7.14
CA ASP A 446 -1.50 -31.86 -6.87
C ASP A 446 -0.76 -32.34 -8.12
N LYS A 447 -1.17 -31.89 -9.30
CA LYS A 447 -0.46 -32.25 -10.52
C LYS A 447 0.65 -31.25 -10.82
N LEU A 448 0.33 -29.96 -10.69
CA LEU A 448 1.31 -28.91 -10.95
C LEU A 448 2.31 -28.74 -9.81
N ARG A 449 2.00 -29.26 -8.63
CA ARG A 449 2.96 -29.20 -7.52
C ARG A 449 4.10 -30.18 -7.73
N ASN A 450 3.78 -31.41 -8.08
CA ASN A 450 4.80 -32.43 -8.37
C ASN A 450 5.13 -32.49 -9.86
N ALA A 451 5.47 -31.37 -10.46
CA ALA A 451 5.74 -31.29 -11.89
C ALA A 451 7.18 -31.69 -12.16
N ASN A 452 7.37 -32.53 -13.17
CA ASN A 452 8.70 -33.01 -13.57
C ASN A 452 8.75 -33.02 -15.10
N GLY A 453 9.20 -31.93 -15.69
CA GLY A 453 9.23 -31.81 -17.13
C GLY A 453 10.43 -31.05 -17.66
N SER A 454 10.31 -30.52 -18.88
CA SER A 454 11.40 -29.80 -19.52
C SER A 454 11.24 -28.29 -19.42
N ARG A 455 10.10 -27.76 -19.88
CA ARG A 455 9.91 -26.33 -19.94
C ARG A 455 9.51 -25.78 -18.58
N SER A 456 10.20 -24.74 -18.13
CA SER A 456 9.83 -24.08 -16.90
C SER A 456 8.63 -23.18 -17.12
N THR A 457 8.01 -22.76 -16.03
CA THR A 457 6.80 -21.94 -16.12
C THR A 457 7.07 -20.50 -16.49
N ALA A 458 8.33 -20.06 -16.49
CA ALA A 458 8.70 -18.75 -16.98
C ALA A 458 9.23 -18.79 -18.41
N GLU A 459 9.25 -19.97 -19.01
CA GLU A 459 9.59 -20.16 -20.41
C GLU A 459 8.36 -20.30 -21.29
N ILE A 460 7.31 -20.94 -20.78
CA ILE A 460 6.02 -20.92 -21.46
C ILE A 460 5.33 -19.57 -21.33
N ARG A 461 5.61 -18.82 -20.26
CA ARG A 461 5.03 -17.50 -20.13
C ARG A 461 5.63 -16.49 -21.10
N MET A 462 6.79 -16.77 -21.67
CA MET A 462 7.36 -15.88 -22.68
C MET A 462 6.93 -16.24 -24.09
N ASN A 463 6.58 -17.51 -24.33
CA ASN A 463 6.04 -17.89 -25.63
C ASN A 463 4.62 -17.36 -25.82
N MET A 464 3.85 -17.28 -24.72
CA MET A 464 2.50 -16.75 -24.80
C MET A 464 2.51 -15.24 -24.93
N LYS A 465 3.43 -14.57 -24.24
CA LYS A 465 3.46 -13.12 -24.22
C LYS A 465 3.93 -12.50 -25.53
N GLN A 466 4.89 -13.14 -26.20
CA GLN A 466 5.38 -12.57 -27.45
C GLN A 466 4.51 -12.92 -28.64
N THR A 467 3.73 -14.01 -28.54
CA THR A 467 2.82 -14.37 -29.62
C THR A 467 1.66 -13.39 -29.71
N MET A 468 1.09 -13.02 -28.56
CA MET A 468 -0.05 -12.12 -28.55
C MET A 468 0.32 -10.66 -28.74
N GLN A 469 1.60 -10.30 -28.67
CA GLN A 469 2.01 -8.97 -29.05
C GLN A 469 2.24 -8.83 -30.55
N LYS A 470 2.51 -9.94 -31.23
CA LYS A 470 2.80 -9.90 -32.66
C LYS A 470 1.52 -9.93 -33.49
N ASP A 471 0.62 -10.86 -33.18
CA ASP A 471 -0.58 -11.07 -33.98
C ASP A 471 -1.75 -10.21 -33.53
N VAL A 472 -2.17 -10.37 -32.28
CA VAL A 472 -3.30 -9.62 -31.75
C VAL A 472 -2.84 -8.26 -31.28
N SER A 473 -2.86 -7.27 -32.16
CA SER A 473 -2.28 -5.97 -31.90
C SER A 473 -3.25 -4.92 -32.41
N VAL A 474 -2.76 -3.69 -32.58
CA VAL A 474 -3.63 -2.59 -32.96
C VAL A 474 -4.10 -2.72 -34.40
N PHE A 475 -3.27 -3.29 -35.27
CA PHE A 475 -3.64 -3.52 -36.66
C PHE A 475 -3.54 -5.02 -36.94
N ARG A 476 -4.66 -5.65 -37.22
CA ARG A 476 -4.74 -7.08 -37.44
C ARG A 476 -5.53 -7.37 -38.71
N THR A 477 -5.11 -8.39 -39.45
CA THR A 477 -5.80 -8.86 -40.65
C THR A 477 -6.08 -10.34 -40.48
N GLN A 478 -6.81 -10.91 -41.43
CA GLN A 478 -7.06 -12.36 -41.38
C GLN A 478 -6.03 -13.14 -42.17
N SER A 479 -4.76 -12.80 -41.96
CA SER A 479 -3.65 -13.66 -42.32
C SER A 479 -2.62 -13.75 -41.22
N SER A 480 -2.56 -12.78 -40.31
CA SER A 480 -1.81 -12.89 -39.08
C SER A 480 -2.67 -13.38 -37.92
N LEU A 481 -3.98 -13.12 -37.95
CA LEU A 481 -4.86 -13.64 -36.92
C LEU A 481 -5.10 -15.14 -37.08
N ASP A 482 -5.07 -15.64 -38.32
CA ASP A 482 -5.14 -17.08 -38.52
C ASP A 482 -3.87 -17.77 -38.04
N GLU A 483 -2.74 -17.07 -38.09
CA GLU A 483 -1.51 -17.60 -37.51
C GLU A 483 -1.52 -17.47 -35.99
N GLY A 484 -2.15 -16.42 -35.47
CA GLY A 484 -2.16 -16.20 -34.03
C GLY A 484 -2.98 -17.21 -33.27
N VAL A 485 -4.05 -17.71 -33.88
CA VAL A 485 -4.77 -18.83 -33.27
C VAL A 485 -4.01 -20.14 -33.45
N ARG A 486 -3.09 -20.20 -34.41
CA ARG A 486 -2.30 -21.40 -34.65
C ARG A 486 -1.05 -21.45 -33.80
N ASN A 487 -0.53 -20.31 -33.35
CA ASN A 487 0.63 -20.30 -32.48
C ASN A 487 0.25 -20.35 -31.01
N ILE A 488 -0.93 -19.83 -30.64
CA ILE A 488 -1.39 -19.94 -29.26
C ILE A 488 -1.94 -21.31 -28.95
N THR A 489 -2.18 -22.14 -29.95
CA THR A 489 -2.58 -23.52 -29.72
C THR A 489 -1.36 -24.42 -29.58
N ALA A 490 -0.28 -24.12 -30.30
CA ALA A 490 0.96 -24.88 -30.15
C ALA A 490 1.65 -24.59 -28.82
N VAL A 491 1.33 -23.47 -28.17
CA VAL A 491 1.88 -23.18 -26.84
C VAL A 491 1.14 -23.97 -25.78
N GLU A 492 -0.20 -24.02 -25.86
CA GLU A 492 -1.01 -24.67 -24.84
C GLU A 492 -0.81 -26.19 -24.80
N LYS A 493 -0.32 -26.79 -25.89
CA LYS A 493 0.01 -28.21 -25.86
C LYS A 493 1.36 -28.48 -25.23
N THR A 494 2.12 -27.45 -24.88
CA THR A 494 3.36 -27.59 -24.14
C THR A 494 3.22 -27.23 -22.68
N PHE A 495 2.00 -26.96 -22.21
CA PHE A 495 1.78 -26.80 -20.78
C PHE A 495 1.65 -28.14 -20.08
N ASP A 496 1.47 -29.23 -20.84
CA ASP A 496 1.33 -30.55 -20.24
C ASP A 496 2.64 -31.12 -19.73
N ASP A 497 3.78 -30.51 -20.06
CA ASP A 497 5.09 -30.91 -19.54
C ASP A 497 5.80 -29.72 -18.94
N VAL A 498 5.09 -28.99 -18.07
CA VAL A 498 5.69 -27.88 -17.35
C VAL A 498 6.61 -28.41 -16.26
N LYS A 499 7.52 -27.55 -15.83
CA LYS A 499 8.47 -27.95 -14.75
C LYS A 499 8.35 -26.98 -13.59
N THR A 500 8.33 -27.51 -12.38
CA THR A 500 8.22 -26.74 -11.16
C THR A 500 9.25 -27.26 -10.17
N THR A 501 10.02 -26.36 -9.55
CA THR A 501 11.15 -26.76 -8.72
C THR A 501 10.91 -26.62 -7.23
N ASP A 502 9.74 -26.13 -6.80
CA ASP A 502 9.49 -25.86 -5.39
C ASP A 502 8.31 -26.71 -4.93
N ARG A 503 8.59 -27.67 -4.04
CA ARG A 503 7.61 -28.67 -3.62
C ARG A 503 7.04 -28.39 -2.25
N SER A 504 7.17 -27.17 -1.75
CA SER A 504 6.59 -26.84 -0.46
C SER A 504 5.14 -26.41 -0.64
N MET A 505 4.52 -25.99 0.46
CA MET A 505 3.16 -25.46 0.40
C MET A 505 3.00 -24.16 1.17
N ILE A 506 3.92 -23.85 2.09
CA ILE A 506 3.91 -22.57 2.79
C ILE A 506 4.55 -21.54 1.88
N TRP A 507 3.73 -20.63 1.35
CA TRP A 507 4.17 -19.56 0.41
C TRP A 507 4.85 -20.12 -0.83
N ASN A 508 4.28 -21.14 -1.47
CA ASN A 508 4.81 -21.63 -2.73
C ASN A 508 4.49 -20.55 -3.75
N SER A 509 5.43 -19.63 -3.95
CA SER A 509 5.32 -18.61 -4.99
C SER A 509 5.89 -19.08 -6.31
N ASP A 510 5.96 -20.39 -6.51
CA ASP A 510 6.22 -21.01 -7.79
C ASP A 510 5.02 -21.82 -8.27
N LEU A 511 4.25 -22.38 -7.34
CA LEU A 511 2.98 -22.99 -7.68
C LEU A 511 1.94 -21.94 -8.05
N VAL A 512 2.01 -20.76 -7.46
CA VAL A 512 1.05 -19.72 -7.79
C VAL A 512 1.34 -19.13 -9.16
N GLU A 513 2.61 -18.91 -9.51
CA GLU A 513 2.92 -18.36 -10.82
C GLU A 513 2.71 -19.34 -11.96
N THR A 514 2.57 -20.63 -11.68
CA THR A 514 2.13 -21.57 -12.70
C THR A 514 0.65 -21.87 -12.63
N LEU A 515 -0.04 -21.40 -11.60
CA LEU A 515 -1.50 -21.38 -11.58
C LEU A 515 -2.06 -20.10 -12.15
N GLU A 516 -1.30 -19.00 -12.11
CA GLU A 516 -1.64 -17.78 -12.80
C GLU A 516 -1.31 -17.84 -14.29
N LEU A 517 -0.61 -18.89 -14.74
CA LEU A 517 -0.33 -19.13 -16.14
C LEU A 517 -1.39 -20.02 -16.79
N GLN A 518 -1.86 -21.03 -16.06
CA GLN A 518 -3.00 -21.82 -16.53
C GLN A 518 -4.25 -20.97 -16.64
N ASN A 519 -4.41 -19.99 -15.76
CA ASN A 519 -5.53 -19.07 -15.84
C ASN A 519 -5.41 -18.13 -17.03
N LEU A 520 -4.19 -17.74 -17.39
CA LEU A 520 -3.97 -16.79 -18.45
C LEU A 520 -4.03 -17.40 -19.84
N LEU A 521 -3.72 -18.69 -20.00
CA LEU A 521 -3.78 -19.29 -21.31
C LEU A 521 -5.23 -19.51 -21.76
N THR A 522 -6.16 -19.64 -20.81
CA THR A 522 -7.56 -19.84 -21.15
C THR A 522 -8.19 -18.55 -21.67
N CYS A 523 -7.82 -17.41 -21.10
CA CYS A 523 -8.31 -16.12 -21.58
C CYS A 523 -7.52 -15.59 -22.76
N ALA A 524 -6.35 -16.15 -23.05
CA ALA A 524 -5.57 -15.75 -24.21
C ALA A 524 -5.98 -16.49 -25.47
N SER A 525 -6.28 -17.78 -25.34
CA SER A 525 -6.66 -18.58 -26.50
C SER A 525 -8.09 -18.34 -26.94
N GLN A 526 -8.87 -17.57 -26.19
CA GLN A 526 -10.19 -17.14 -26.64
C GLN A 526 -10.19 -15.73 -27.19
N THR A 527 -9.25 -14.89 -26.77
CA THR A 527 -9.07 -13.58 -27.40
C THR A 527 -8.56 -13.73 -28.83
N ALA A 528 -7.75 -14.76 -29.08
CA ALA A 528 -7.20 -14.95 -30.42
C ALA A 528 -8.25 -15.51 -31.39
N VAL A 529 -9.05 -16.48 -30.96
CA VAL A 529 -10.00 -17.10 -31.88
C VAL A 529 -11.24 -16.22 -32.08
N SER A 530 -11.67 -15.48 -31.06
CA SER A 530 -12.86 -14.64 -31.22
C SER A 530 -12.56 -13.30 -31.85
N ALA A 531 -11.29 -12.94 -32.01
CA ALA A 531 -10.95 -11.79 -32.83
C ALA A 531 -10.80 -12.15 -34.30
N ALA A 532 -10.53 -13.42 -34.61
CA ALA A 532 -10.44 -13.90 -35.98
C ALA A 532 -11.78 -14.32 -36.54
N ASN A 533 -12.88 -13.91 -35.89
CA ASN A 533 -14.23 -14.19 -36.36
C ASN A 533 -15.09 -12.96 -36.20
N ARG A 534 -14.52 -11.78 -36.45
CA ARG A 534 -15.26 -10.52 -36.44
C ARG A 534 -14.82 -9.77 -37.70
N LYS A 535 -15.59 -9.92 -38.76
CA LYS A 535 -15.25 -9.35 -40.05
C LYS A 535 -15.87 -7.96 -40.22
N GLU A 536 -15.42 -7.07 -39.35
CA GLU A 536 -15.79 -5.66 -39.38
C GLU A 536 -14.69 -4.88 -38.65
N SER A 537 -14.95 -3.61 -38.38
CA SER A 537 -13.96 -2.79 -37.69
C SER A 537 -14.71 -1.72 -36.89
N ARG A 538 -14.91 -1.98 -35.60
CA ARG A 538 -15.52 -1.01 -34.71
C ARG A 538 -14.75 -0.98 -33.40
N GLY A 539 -14.75 0.18 -32.76
CA GLY A 539 -14.14 0.33 -31.46
C GLY A 539 -12.63 0.20 -31.51
N ALA A 540 -12.09 -0.62 -30.60
CA ALA A 540 -10.68 -0.89 -30.54
C ALA A 540 -10.27 -2.10 -31.37
N HIS A 541 -11.20 -2.67 -32.12
CA HIS A 541 -10.94 -3.84 -32.96
C HIS A 541 -10.99 -3.38 -34.41
N ALA A 542 -9.81 -3.17 -35.01
CA ALA A 542 -9.71 -2.68 -36.38
C ALA A 542 -9.11 -3.77 -37.27
N ARG A 543 -9.73 -3.96 -38.43
CA ARG A 543 -9.29 -4.98 -39.39
C ARG A 543 -8.93 -4.28 -40.70
N GLU A 544 -7.71 -4.53 -41.18
CA GLU A 544 -7.25 -3.89 -42.41
C GLU A 544 -7.86 -4.50 -43.66
N ASP A 545 -8.53 -5.64 -43.56
CA ASP A 545 -9.20 -6.23 -44.71
C ASP A 545 -10.71 -6.03 -44.69
N TYR A 546 -11.27 -5.55 -43.59
CA TYR A 546 -12.69 -5.22 -43.48
C TYR A 546 -12.83 -3.93 -42.70
N PRO A 547 -12.51 -2.80 -43.32
CA PRO A 547 -12.35 -1.56 -42.54
C PRO A 547 -13.62 -0.76 -42.32
N ASN A 548 -14.78 -1.36 -42.56
CA ASN A 548 -16.05 -0.65 -42.42
C ASN A 548 -16.90 -1.28 -41.34
N ARG A 549 -17.49 -0.43 -40.49
CA ARG A 549 -18.38 -0.89 -39.44
C ARG A 549 -19.66 -1.44 -40.03
N ASP A 550 -20.07 -2.62 -39.57
CA ASP A 550 -21.20 -3.35 -40.15
C ASP A 550 -22.32 -3.39 -39.12
N ASP A 551 -23.20 -2.38 -39.16
CA ASP A 551 -24.26 -2.23 -38.17
C ASP A 551 -25.50 -3.05 -38.50
N GLU A 552 -25.48 -3.85 -39.56
CA GLU A 552 -26.62 -4.68 -39.92
C GLU A 552 -26.39 -6.16 -39.62
N HIS A 553 -25.16 -6.64 -39.74
CA HIS A 553 -24.85 -8.04 -39.48
C HIS A 553 -24.16 -8.26 -38.14
N TRP A 554 -23.33 -7.33 -37.70
CA TRP A 554 -22.43 -7.54 -36.57
C TRP A 554 -22.78 -6.63 -35.40
N MET A 555 -24.06 -6.49 -35.10
CA MET A 555 -24.49 -5.80 -33.88
C MET A 555 -24.74 -6.83 -32.77
N LYS A 556 -23.69 -7.57 -32.41
CA LYS A 556 -23.84 -8.66 -31.47
C LYS A 556 -22.52 -8.92 -30.75
N HIS A 557 -22.61 -9.30 -29.48
CA HIS A 557 -21.44 -9.75 -28.76
C HIS A 557 -21.18 -11.21 -29.07
N THR A 558 -19.96 -11.66 -28.78
CA THR A 558 -19.61 -13.07 -28.92
C THR A 558 -19.65 -13.76 -27.57
N LEU A 559 -19.66 -15.09 -27.61
CA LEU A 559 -19.69 -15.90 -26.39
C LEU A 559 -18.77 -17.10 -26.59
N SER A 560 -17.73 -17.20 -25.76
CA SER A 560 -16.68 -18.18 -25.97
C SER A 560 -16.69 -19.22 -24.86
N TRP A 561 -16.69 -20.49 -25.25
CA TRP A 561 -16.62 -21.61 -24.32
C TRP A 561 -15.28 -22.31 -24.46
N GLN A 562 -14.67 -22.67 -23.33
CA GLN A 562 -13.49 -23.54 -23.33
C GLN A 562 -13.41 -24.19 -21.96
N LYS A 563 -13.46 -25.51 -21.91
CA LYS A 563 -13.55 -26.20 -20.63
C LYS A 563 -12.22 -26.21 -19.89
N ASP A 564 -11.15 -26.69 -20.54
CA ASP A 564 -9.82 -26.69 -19.98
C ASP A 564 -8.85 -26.16 -21.03
N VAL A 565 -7.56 -26.20 -20.70
CA VAL A 565 -6.55 -25.88 -21.71
C VAL A 565 -6.46 -27.02 -22.71
N ALA A 566 -6.00 -26.69 -23.92
CA ALA A 566 -5.91 -27.61 -25.08
C ALA A 566 -7.27 -28.25 -25.38
N ALA A 567 -8.31 -27.43 -25.34
CA ALA A 567 -9.67 -27.83 -25.65
C ALA A 567 -10.23 -26.90 -26.71
N PRO A 568 -11.10 -27.40 -27.60
CA PRO A 568 -11.58 -26.55 -28.70
C PRO A 568 -12.56 -25.50 -28.23
N VAL A 569 -12.43 -24.30 -28.80
CA VAL A 569 -13.24 -23.15 -28.44
C VAL A 569 -14.35 -23.00 -29.48
N THR A 570 -15.58 -22.89 -29.01
CA THR A 570 -16.73 -22.64 -29.87
C THR A 570 -17.28 -21.26 -29.57
N LEU A 571 -17.98 -20.69 -30.56
CA LEU A 571 -18.51 -19.34 -30.44
C LEU A 571 -20.01 -19.33 -30.68
N LYS A 572 -20.71 -18.49 -29.93
CA LYS A 572 -22.11 -18.17 -30.19
C LYS A 572 -22.31 -16.69 -29.95
N TYR A 573 -23.45 -16.17 -30.38
CA TYR A 573 -23.68 -14.74 -30.38
C TYR A 573 -25.00 -14.40 -29.72
N ARG A 574 -25.05 -13.24 -29.08
CA ARG A 574 -26.29 -12.73 -28.49
C ARG A 574 -26.49 -11.29 -28.91
N ARG A 575 -27.75 -10.90 -29.08
CA ARG A 575 -28.07 -9.59 -29.60
C ARG A 575 -27.87 -8.52 -28.53
N VAL A 576 -27.39 -7.35 -28.96
CA VAL A 576 -27.22 -6.23 -28.05
C VAL A 576 -28.59 -5.70 -27.62
N ILE A 577 -28.62 -5.05 -26.46
CA ILE A 577 -29.83 -4.44 -25.92
C ILE A 577 -29.79 -2.95 -26.27
N ASP A 578 -30.79 -2.48 -27.02
CA ASP A 578 -30.80 -1.13 -27.53
C ASP A 578 -31.96 -0.29 -27.00
N HIS A 579 -32.66 -0.75 -25.96
CA HIS A 579 -33.72 0.02 -25.34
C HIS A 579 -33.37 0.27 -23.88
N THR A 580 -33.71 1.45 -23.38
CA THR A 580 -33.31 1.87 -22.05
C THR A 580 -34.26 1.30 -21.01
N LEU A 581 -34.08 1.74 -19.76
CA LEU A 581 -34.95 1.28 -18.68
C LEU A 581 -36.33 1.89 -18.79
N ASP A 582 -36.41 3.22 -18.82
CA ASP A 582 -37.68 3.93 -19.01
C ASP A 582 -37.53 4.85 -20.20
N GLU A 583 -38.33 4.60 -21.24
CA GLU A 583 -38.25 5.41 -22.45
C GLU A 583 -38.86 6.80 -22.29
N LYS A 584 -39.58 7.05 -21.19
CA LYS A 584 -40.13 8.37 -20.92
C LYS A 584 -39.14 9.29 -20.24
N GLU A 585 -38.15 8.75 -19.54
CA GLU A 585 -37.13 9.59 -18.91
C GLU A 585 -36.13 10.09 -19.93
N CYS A 586 -35.61 9.19 -20.76
CA CYS A 586 -34.70 9.53 -21.84
C CYS A 586 -35.00 8.62 -23.01
N PRO A 587 -34.83 9.08 -24.25
CA PRO A 587 -34.98 8.20 -25.40
C PRO A 587 -33.70 7.47 -25.75
N SER A 588 -33.87 6.29 -26.34
CA SER A 588 -32.73 5.55 -26.85
C SER A 588 -32.18 6.23 -28.10
N VAL A 589 -30.86 6.31 -28.19
CA VAL A 589 -30.24 7.06 -29.28
C VAL A 589 -30.13 6.16 -30.51
N PRO A 590 -30.21 6.71 -31.72
CA PRO A 590 -30.05 5.87 -32.92
C PRO A 590 -28.60 5.87 -33.39
N PRO A 591 -28.16 4.79 -34.02
CA PRO A 591 -26.75 4.71 -34.43
C PRO A 591 -26.44 5.60 -35.62
N THR A 592 -25.45 6.47 -35.45
CA THR A 592 -24.94 7.35 -36.50
C THR A 592 -23.47 7.02 -36.77
N VAL A 593 -22.84 7.85 -37.58
CA VAL A 593 -21.43 7.69 -37.94
C VAL A 593 -20.58 8.46 -36.93
N THR B 1 30.25 -8.78 -24.33
CA THR B 1 30.99 -9.10 -23.12
C THR B 1 30.15 -8.86 -21.88
N PRO B 2 29.95 -9.85 -21.01
CA PRO B 2 29.09 -9.68 -19.85
C PRO B 2 29.77 -8.89 -18.73
N ARG B 3 28.94 -8.31 -17.87
CA ARG B 3 29.39 -7.71 -16.62
C ARG B 3 28.53 -8.25 -15.49
N LEU B 4 29.17 -8.90 -14.52
CA LEU B 4 28.47 -9.64 -13.48
C LEU B 4 28.55 -8.89 -12.16
N LYS B 5 27.40 -8.61 -11.57
CA LYS B 5 27.30 -8.09 -10.21
C LYS B 5 26.75 -9.18 -9.31
N THR B 6 27.37 -9.36 -8.14
CA THR B 6 27.01 -10.43 -7.22
C THR B 6 26.00 -9.92 -6.19
N PHE B 7 24.89 -10.63 -6.06
CA PHE B 7 23.84 -10.33 -5.10
C PHE B 7 23.95 -11.26 -3.91
N LYS B 8 23.34 -10.86 -2.80
CA LYS B 8 23.34 -11.66 -1.58
C LYS B 8 21.97 -11.50 -0.92
N VAL B 9 21.17 -12.55 -0.95
CA VAL B 9 19.77 -12.50 -0.54
C VAL B 9 19.57 -13.40 0.67
N TYR B 10 18.87 -12.89 1.68
CA TYR B 10 18.57 -13.63 2.90
C TYR B 10 17.64 -14.79 2.60
N ARG B 11 17.99 -15.99 3.08
CA ARG B 11 17.26 -17.20 2.73
C ARG B 11 16.87 -17.99 3.98
N TRP B 12 15.62 -18.45 4.01
CA TRP B 12 15.14 -19.39 5.01
C TRP B 12 14.10 -20.27 4.35
N ASN B 13 13.85 -21.43 4.93
CA ASN B 13 12.85 -22.33 4.37
C ASN B 13 12.05 -22.99 5.49
N PRO B 14 10.75 -22.72 5.59
CA PRO B 14 9.96 -23.21 6.73
C PRO B 14 9.65 -24.69 6.70
N ASP B 15 9.96 -25.40 5.62
CA ASP B 15 9.78 -26.85 5.60
C ASP B 15 10.90 -27.59 6.30
N GLU B 16 12.11 -27.04 6.28
CA GLU B 16 13.19 -27.52 7.14
C GLU B 16 13.56 -26.43 8.14
N PRO B 17 12.80 -26.27 9.22
CA PRO B 17 13.01 -25.15 10.13
C PRO B 17 14.20 -25.31 11.06
N SER B 18 14.84 -26.48 11.08
CA SER B 18 15.95 -26.70 12.00
C SER B 18 17.21 -25.96 11.56
N ALA B 19 17.37 -25.69 10.27
CA ALA B 19 18.54 -24.98 9.80
C ALA B 19 18.42 -23.48 10.06
N LYS B 20 19.54 -22.85 10.34
CA LYS B 20 19.57 -21.43 10.61
C LYS B 20 19.38 -20.65 9.30
N PRO B 21 18.94 -19.40 9.38
CA PRO B 21 18.91 -18.56 8.17
C PRO B 21 20.30 -18.17 7.73
N HIS B 22 20.44 -17.92 6.44
CA HIS B 22 21.76 -17.68 5.86
C HIS B 22 21.62 -16.86 4.59
N LEU B 23 22.75 -16.36 4.11
CA LEU B 23 22.82 -15.56 2.89
C LEU B 23 23.26 -16.43 1.73
N GLN B 24 22.56 -16.32 0.61
CA GLN B 24 22.92 -17.05 -0.60
C GLN B 24 23.38 -16.08 -1.67
N SER B 25 24.38 -16.49 -2.45
CA SER B 25 25.01 -15.63 -3.44
C SER B 25 24.50 -15.97 -4.82
N TYR B 26 24.06 -14.95 -5.56
CA TYR B 26 23.64 -15.07 -6.94
C TYR B 26 24.44 -14.10 -7.81
N GLN B 27 24.63 -14.47 -9.07
CA GLN B 27 25.41 -13.67 -10.02
C GLN B 27 24.48 -13.17 -11.10
N VAL B 28 24.23 -11.87 -11.12
CA VAL B 28 23.28 -11.24 -12.04
C VAL B 28 24.08 -10.50 -13.11
N ASP B 29 23.80 -10.81 -14.36
CA ASP B 29 24.34 -10.03 -15.46
C ASP B 29 23.68 -8.67 -15.47
N LEU B 30 24.48 -7.61 -15.54
CA LEU B 30 23.94 -6.26 -15.55
C LEU B 30 23.65 -5.76 -16.95
N ASN B 31 24.15 -6.44 -17.98
CA ASN B 31 23.90 -5.98 -19.34
C ASN B 31 22.48 -6.29 -19.77
N ASP B 32 22.06 -7.54 -19.64
CA ASP B 32 20.69 -7.95 -19.96
C ASP B 32 19.81 -7.99 -18.70
N CYS B 33 19.77 -6.86 -18.00
CA CYS B 33 18.92 -6.69 -16.84
C CYS B 33 18.16 -5.38 -16.96
N GLY B 34 17.38 -5.06 -15.93
CA GLY B 34 16.73 -3.78 -15.83
C GLY B 34 17.51 -2.88 -14.91
N PRO B 35 17.08 -1.64 -14.75
CA PRO B 35 17.82 -0.72 -13.88
C PRO B 35 17.56 -0.93 -12.41
N MET B 36 16.37 -1.40 -12.04
CA MET B 36 15.95 -1.44 -10.65
C MET B 36 16.33 -2.77 -10.01
N VAL B 37 16.08 -2.90 -8.71
CA VAL B 37 16.43 -4.11 -7.99
C VAL B 37 15.38 -5.20 -8.23
N LEU B 38 14.09 -4.82 -8.33
CA LEU B 38 13.05 -5.79 -8.63
C LEU B 38 13.18 -6.37 -10.03
N ASP B 39 13.81 -5.64 -10.95
CA ASP B 39 14.12 -6.20 -12.25
C ASP B 39 15.28 -7.18 -12.19
N ALA B 40 16.03 -7.20 -11.09
CA ALA B 40 17.09 -8.18 -10.91
C ALA B 40 16.70 -9.31 -9.97
N LEU B 41 15.66 -9.15 -9.17
CA LEU B 41 15.13 -10.25 -8.39
C LEU B 41 14.16 -11.10 -9.18
N LEU B 42 13.41 -10.49 -10.09
CA LEU B 42 12.57 -11.25 -11.01
C LEU B 42 13.39 -11.94 -12.09
N LYS B 43 14.57 -11.42 -12.41
CA LYS B 43 15.43 -12.10 -13.38
C LYS B 43 16.07 -13.34 -12.79
N ILE B 44 16.31 -13.35 -11.48
CA ILE B 44 16.86 -14.54 -10.83
C ILE B 44 15.85 -15.68 -10.84
N LYS B 45 14.59 -15.37 -10.54
CA LYS B 45 13.55 -16.38 -10.41
C LYS B 45 13.14 -17.01 -11.75
N ASP B 46 13.60 -16.48 -12.88
CA ASP B 46 13.29 -17.06 -14.17
C ASP B 46 14.42 -17.91 -14.74
N GLU B 47 15.67 -17.49 -14.55
CA GLU B 47 16.80 -18.11 -15.22
C GLU B 47 17.72 -18.85 -14.25
N GLN B 48 17.32 -18.98 -12.99
CA GLN B 48 18.17 -19.53 -11.93
C GLN B 48 17.30 -20.23 -10.91
N ASP B 49 17.79 -20.34 -9.68
CA ASP B 49 17.02 -20.77 -8.51
C ASP B 49 15.66 -20.08 -8.40
N SER B 50 14.59 -20.87 -8.53
CA SER B 50 13.23 -20.35 -8.66
C SER B 50 12.41 -20.53 -7.38
N THR B 51 13.05 -20.88 -6.28
CA THR B 51 12.37 -20.96 -4.98
C THR B 51 12.52 -19.69 -4.19
N LEU B 52 13.07 -18.65 -4.79
CA LEU B 52 13.23 -17.36 -4.12
C LEU B 52 11.90 -16.62 -4.14
N THR B 53 11.29 -16.42 -2.98
CA THR B 53 9.96 -15.84 -2.89
C THR B 53 10.03 -14.44 -2.29
N PHE B 54 9.16 -13.56 -2.79
CA PHE B 54 9.06 -12.18 -2.33
C PHE B 54 7.72 -11.63 -2.81
N ARG B 55 7.41 -10.41 -2.39
CA ARG B 55 6.15 -9.76 -2.72
C ARG B 55 6.38 -8.68 -3.76
N ARG B 56 5.51 -8.63 -4.76
CA ARG B 56 5.55 -7.59 -5.79
C ARG B 56 4.19 -7.50 -6.45
N SER B 57 3.78 -6.30 -6.79
CA SER B 57 2.54 -6.22 -7.55
C SER B 57 2.61 -5.31 -8.75
N CYS B 58 2.94 -4.01 -8.70
CA CYS B 58 2.81 -2.97 -9.76
C CYS B 58 4.09 -2.49 -10.45
N ARG B 59 5.39 -2.82 -9.85
CA ARG B 59 6.71 -2.39 -10.37
C ARG B 59 6.89 -0.86 -10.43
N GLU B 60 6.05 -0.08 -9.76
CA GLU B 60 5.98 1.36 -9.94
C GLU B 60 6.25 2.14 -8.67
N GLY B 61 5.83 1.65 -7.51
CA GLY B 61 6.07 2.34 -6.26
C GLY B 61 4.85 3.07 -5.73
N ILE B 62 3.67 2.55 -6.01
CA ILE B 62 2.41 3.15 -5.57
C ILE B 62 1.59 2.20 -4.72
N CYS B 63 1.97 0.88 -4.48
CA CYS B 63 1.11 -0.13 -3.79
C CYS B 63 1.63 -0.37 -2.38
N GLY B 64 3.13 -0.72 -2.48
CA GLY B 64 3.83 -0.90 -1.22
C GLY B 64 4.17 -2.32 -0.84
N SER B 65 4.23 -3.25 -1.78
CA SER B 65 4.41 -4.66 -1.46
C SER B 65 5.87 -5.08 -1.35
N CYS B 66 6.77 -4.47 -2.11
CA CYS B 66 8.13 -4.95 -2.22
C CYS B 66 9.05 -4.37 -1.17
N ALA B 67 8.53 -3.99 -0.02
CA ALA B 67 9.33 -3.30 0.99
C ALA B 67 10.32 -4.27 1.62
N MET B 68 11.60 -4.03 1.41
CA MET B 68 12.66 -4.83 2.01
C MET B 68 13.78 -3.89 2.44
N ASN B 69 14.91 -4.45 2.84
CA ASN B 69 16.02 -3.70 3.42
C ASN B 69 17.23 -3.87 2.50
N ILE B 70 17.35 -2.99 1.52
CA ILE B 70 18.35 -3.13 0.47
C ILE B 70 19.53 -2.23 0.80
N GLY B 71 20.66 -2.85 1.14
CA GLY B 71 21.87 -2.09 1.38
C GLY B 71 21.93 -1.35 2.69
N GLY B 72 21.14 -1.74 3.67
CA GLY B 72 21.16 -1.07 4.95
C GLY B 72 19.90 -0.29 5.25
N ARG B 73 19.35 0.38 4.24
CA ARG B 73 18.19 1.23 4.42
C ARG B 73 16.93 0.52 3.94
N ASN B 74 15.80 0.90 4.53
CA ASN B 74 14.51 0.37 4.11
C ASN B 74 14.00 1.14 2.91
N THR B 75 13.68 0.44 1.83
CA THR B 75 13.18 1.08 0.63
C THR B 75 12.32 0.09 -0.13
N LEU B 76 11.76 0.54 -1.26
CA LEU B 76 10.96 -0.28 -2.14
C LEU B 76 11.84 -0.78 -3.27
N ALA B 77 11.78 -2.04 -3.65
CA ALA B 77 12.75 -2.51 -4.66
C ALA B 77 12.41 -2.00 -6.06
N CYS B 78 11.09 -1.73 -6.42
CA CYS B 78 10.68 -1.27 -7.77
C CYS B 78 11.47 -0.03 -8.13
N ILE B 79 11.88 0.72 -7.11
CA ILE B 79 12.49 2.07 -7.40
C ILE B 79 13.99 2.10 -7.08
N CYS B 80 14.48 1.43 -6.02
CA CYS B 80 15.89 1.41 -5.67
C CYS B 80 16.77 0.96 -6.83
N LYS B 81 17.54 1.87 -7.38
CA LYS B 81 18.34 1.61 -8.57
C LYS B 81 19.60 0.83 -8.21
N ILE B 82 20.01 -0.06 -9.10
CA ILE B 82 21.26 -0.79 -8.93
C ILE B 82 22.41 0.14 -9.28
N ASP B 83 23.41 0.21 -8.41
CA ASP B 83 24.63 0.94 -8.71
C ASP B 83 25.44 0.15 -9.74
N GLN B 84 25.73 0.78 -10.88
CA GLN B 84 26.39 0.10 -11.99
C GLN B 84 27.89 0.04 -11.71
N ASN B 85 28.26 -0.86 -10.82
CA ASN B 85 29.67 -1.09 -10.47
C ASN B 85 29.78 -2.54 -10.05
N GLU B 86 30.41 -3.36 -10.88
CA GLU B 86 30.46 -4.80 -10.64
C GLU B 86 31.35 -5.17 -9.47
N SER B 87 32.25 -4.27 -9.05
CA SER B 87 33.17 -4.60 -7.98
C SER B 87 32.49 -4.62 -6.61
N LYS B 88 31.42 -3.86 -6.45
CA LYS B 88 30.71 -3.77 -5.18
C LYS B 88 29.50 -4.70 -5.18
N GLN B 89 29.35 -5.45 -4.09
CA GLN B 89 28.25 -6.38 -3.95
C GLN B 89 27.07 -5.71 -3.27
N LEU B 90 25.93 -6.39 -3.28
CA LEU B 90 24.70 -5.88 -2.71
C LEU B 90 24.13 -6.90 -1.74
N LYS B 91 23.57 -6.43 -0.63
CA LYS B 91 22.96 -7.28 0.38
C LYS B 91 21.49 -6.90 0.52
N ILE B 92 20.62 -7.90 0.42
CA ILE B 92 19.17 -7.71 0.54
C ILE B 92 18.68 -8.48 1.76
N TYR B 93 17.82 -7.85 2.53
CA TYR B 93 17.33 -8.40 3.79
C TYR B 93 15.84 -8.12 3.90
N PRO B 94 15.12 -8.85 4.77
CA PRO B 94 13.74 -8.46 5.08
C PRO B 94 13.69 -7.22 5.96
N LEU B 95 12.49 -6.78 6.32
CA LEU B 95 12.37 -5.63 7.21
C LEU B 95 12.85 -6.01 8.61
N PRO B 96 13.62 -5.14 9.27
CA PRO B 96 14.32 -5.56 10.48
C PRO B 96 13.41 -5.74 11.69
N HIS B 97 13.76 -6.75 12.50
CA HIS B 97 13.01 -7.17 13.69
C HIS B 97 11.56 -7.51 13.37
N MET B 98 11.39 -8.45 12.44
CA MET B 98 10.08 -8.97 12.06
C MET B 98 10.19 -10.48 11.96
N PHE B 99 9.11 -11.18 12.32
CA PHE B 99 9.07 -12.62 12.17
C PHE B 99 8.84 -12.96 10.72
N ILE B 100 9.87 -13.45 10.03
CA ILE B 100 9.73 -13.71 8.60
C ILE B 100 8.93 -14.98 8.38
N VAL B 101 8.36 -15.10 7.18
CA VAL B 101 7.55 -16.26 6.85
C VAL B 101 8.36 -17.26 6.05
N LYS B 102 8.81 -16.90 4.84
CA LYS B 102 9.64 -17.81 4.07
C LYS B 102 11.02 -17.27 3.75
N ASP B 103 11.15 -16.27 2.88
CA ASP B 103 12.47 -15.78 2.49
C ASP B 103 12.64 -14.30 2.77
N LEU B 104 11.82 -13.46 2.15
CA LEU B 104 11.87 -12.01 2.27
C LEU B 104 10.48 -11.48 2.58
N VAL B 105 9.65 -12.34 3.18
CA VAL B 105 8.23 -12.10 3.37
C VAL B 105 7.97 -11.94 4.86
N PRO B 106 7.93 -10.74 5.40
CA PRO B 106 7.72 -10.58 6.85
C PRO B 106 6.26 -10.62 7.22
N ASP B 107 5.99 -11.10 8.43
CA ASP B 107 4.63 -11.21 8.94
C ASP B 107 4.15 -9.82 9.33
N LEU B 108 3.39 -9.18 8.45
CA LEU B 108 2.78 -7.89 8.77
C LEU B 108 1.37 -8.05 9.33
N THR B 109 1.20 -8.92 10.32
CA THR B 109 -0.15 -9.16 10.86
C THR B 109 -0.46 -8.24 12.03
N ASN B 110 0.51 -8.03 12.91
CA ASN B 110 0.36 -7.05 13.99
C ASN B 110 0.26 -5.63 13.46
N PHE B 111 0.77 -5.37 12.26
CA PHE B 111 0.66 -4.05 11.66
C PHE B 111 -0.76 -3.79 11.16
N TYR B 112 -1.51 -4.82 10.80
CA TYR B 112 -2.89 -4.62 10.35
C TYR B 112 -3.89 -4.61 11.50
N GLN B 113 -3.54 -5.18 12.65
CA GLN B 113 -4.42 -5.12 13.79
C GLN B 113 -4.32 -3.78 14.49
N GLN B 114 -3.19 -3.10 14.39
CA GLN B 114 -3.04 -1.78 14.99
C GLN B 114 -3.66 -0.70 14.12
N TYR B 115 -3.67 -0.91 12.80
CA TYR B 115 -4.28 0.04 11.89
C TYR B 115 -5.81 0.02 12.00
N LYS B 116 -6.38 -1.09 12.45
CA LYS B 116 -7.82 -1.15 12.66
C LYS B 116 -8.23 -0.41 13.92
N SER B 117 -7.34 -0.28 14.89
CA SER B 117 -7.67 0.24 16.21
C SER B 117 -7.66 1.75 16.28
N ILE B 118 -7.29 2.45 15.20
CA ILE B 118 -7.32 3.90 15.20
C ILE B 118 -8.60 4.45 14.57
N GLN B 119 -9.52 3.56 14.18
CA GLN B 119 -10.81 3.84 13.55
C GLN B 119 -10.65 4.71 12.31
N PRO B 120 -10.17 4.16 11.19
CA PRO B 120 -9.88 4.95 9.99
C PRO B 120 -11.10 5.16 9.10
N TYR B 121 -12.10 5.86 9.63
CA TYR B 121 -13.28 6.22 8.85
C TYR B 121 -13.85 7.52 9.40
N LEU B 122 -14.66 8.19 8.59
CA LEU B 122 -15.25 9.45 9.01
C LEU B 122 -16.40 9.20 9.97
N GLN B 123 -16.49 10.01 11.01
CA GLN B 123 -17.47 9.81 12.06
C GLN B 123 -18.31 11.07 12.26
N ARG B 124 -18.81 11.62 11.16
CA ARG B 124 -19.70 12.76 11.24
C ARG B 124 -21.09 12.31 11.69
N SER B 125 -21.83 13.22 12.31
CA SER B 125 -23.15 12.90 12.84
C SER B 125 -24.26 13.75 12.23
N SER B 126 -23.96 14.55 11.20
CA SER B 126 -24.97 15.37 10.55
C SER B 126 -24.52 15.71 9.15
N PHE B 127 -25.42 15.59 8.19
CA PHE B 127 -25.16 15.80 6.77
C PHE B 127 -26.11 16.85 6.23
N PRO B 128 -25.77 17.49 5.10
CA PRO B 128 -26.67 18.50 4.52
C PRO B 128 -28.01 17.93 4.07
N LYS B 129 -28.98 18.82 3.96
CA LYS B 129 -30.37 18.42 3.70
C LYS B 129 -30.70 18.35 2.23
N ASP B 130 -30.05 19.17 1.39
CA ASP B 130 -30.36 19.19 -0.03
C ASP B 130 -29.77 18.01 -0.81
N GLY B 131 -28.93 17.20 -0.17
CA GLY B 131 -28.38 16.04 -0.82
C GLY B 131 -27.04 16.24 -1.49
N THR B 132 -26.40 17.39 -1.29
CA THR B 132 -25.08 17.62 -1.84
C THR B 132 -24.02 17.24 -0.80
N GLU B 133 -22.76 17.48 -1.13
CA GLU B 133 -21.66 17.05 -0.29
C GLU B 133 -21.51 17.98 0.91
N VAL B 134 -20.69 17.55 1.86
CA VAL B 134 -20.38 18.38 3.03
C VAL B 134 -19.25 19.34 2.66
N LEU B 135 -19.36 20.57 3.13
CA LEU B 135 -18.47 21.63 2.69
C LEU B 135 -17.11 21.53 3.38
N GLN B 136 -16.08 21.99 2.68
CA GLN B 136 -14.73 22.07 3.22
C GLN B 136 -13.94 23.08 2.39
N SER B 137 -13.32 24.05 3.06
CA SER B 137 -12.63 25.12 2.37
C SER B 137 -11.33 24.63 1.74
N ILE B 138 -10.73 25.49 0.92
CA ILE B 138 -9.49 25.13 0.22
C ILE B 138 -8.32 25.11 1.20
N GLU B 139 -8.27 26.06 2.13
CA GLU B 139 -7.17 26.10 3.09
C GLU B 139 -7.29 25.01 4.15
N ASP B 140 -8.47 24.44 4.36
CA ASP B 140 -8.59 23.27 5.21
C ASP B 140 -8.40 21.97 4.44
N ARG B 141 -8.26 22.05 3.13
CA ARG B 141 -7.89 20.89 2.32
C ARG B 141 -6.38 20.73 2.24
N LYS B 142 -5.63 21.82 2.38
CA LYS B 142 -4.17 21.72 2.38
C LYS B 142 -3.62 21.19 3.70
N LYS B 143 -4.45 21.03 4.72
CA LYS B 143 -4.00 20.41 5.96
C LYS B 143 -3.69 18.94 5.77
N LEU B 144 -4.37 18.28 4.84
CA LEU B 144 -4.21 16.85 4.62
C LEU B 144 -3.10 16.50 3.63
N ASP B 145 -2.49 17.49 2.99
CA ASP B 145 -1.44 17.19 2.03
C ASP B 145 -0.19 16.69 2.75
N GLY B 146 0.30 15.54 2.34
CA GLY B 146 1.41 14.88 3.01
C GLY B 146 0.99 13.80 3.97
N LEU B 147 -0.29 13.71 4.29
CA LEU B 147 -0.81 12.70 5.22
C LEU B 147 -1.68 11.66 4.54
N TYR B 148 -2.52 12.06 3.60
CA TYR B 148 -3.47 11.15 2.97
C TYR B 148 -2.85 10.28 1.90
N GLU B 149 -1.56 10.45 1.61
CA GLU B 149 -0.90 9.75 0.52
C GLU B 149 0.15 8.75 1.00
N CYS B 150 0.08 8.29 2.21
CA CYS B 150 0.89 7.18 2.70
C CYS B 150 0.34 5.89 2.14
N ILE B 151 1.21 4.96 1.79
CA ILE B 151 0.84 3.76 1.04
C ILE B 151 0.86 2.51 1.89
N LEU B 152 1.15 2.61 3.19
CA LEU B 152 1.17 1.51 4.16
C LEU B 152 2.16 0.42 3.75
N CYS B 153 3.44 0.80 3.71
CA CYS B 153 4.51 -0.13 3.37
C CYS B 153 5.32 -0.59 4.57
N ALA B 154 5.22 0.14 5.69
CA ALA B 154 5.88 -0.16 6.98
C ALA B 154 7.40 -0.15 6.89
N CYS B 155 7.97 0.68 6.03
CA CYS B 155 9.40 0.92 6.09
C CYS B 155 9.77 1.91 7.17
N CYS B 156 8.82 2.72 7.59
CA CYS B 156 9.06 3.73 8.63
C CYS B 156 8.94 3.06 10.01
N SER B 157 7.98 2.15 10.18
CA SER B 157 7.78 1.47 11.46
C SER B 157 8.95 0.55 11.79
N THR B 158 9.36 -0.28 10.84
CA THR B 158 10.54 -1.13 11.02
C THR B 158 11.82 -0.42 10.61
N SER B 159 11.97 0.79 11.11
CA SER B 159 13.23 1.49 11.19
C SER B 159 13.37 2.19 12.53
N CYS B 160 12.30 2.20 13.32
CA CYS B 160 12.28 2.83 14.63
C CYS B 160 12.87 1.88 15.66
N PRO B 161 13.88 2.28 16.43
CA PRO B 161 14.34 1.44 17.53
C PRO B 161 13.31 1.21 18.61
N SER B 162 12.48 2.21 18.93
CA SER B 162 11.48 2.04 19.99
C SER B 162 10.28 1.20 19.54
N TYR B 163 10.19 0.87 18.25
CA TYR B 163 9.23 -0.09 17.73
C TYR B 163 9.84 -1.47 17.58
N TRP B 164 11.16 -1.59 17.69
CA TRP B 164 11.79 -2.89 17.54
C TRP B 164 11.54 -3.77 18.75
N TRP B 165 11.36 -3.12 19.89
CA TRP B 165 11.22 -3.85 21.17
C TRP B 165 9.75 -3.93 21.55
N ASN B 166 9.08 -2.79 21.61
CA ASN B 166 7.68 -2.66 22.00
C ASN B 166 6.89 -2.43 20.72
N GLN B 167 6.54 -3.51 20.04
CA GLN B 167 5.65 -3.41 18.91
C GLN B 167 4.31 -4.07 19.18
N GLU B 168 4.17 -4.77 20.30
CA GLU B 168 2.88 -5.33 20.68
C GLU B 168 2.02 -4.31 21.41
N GLN B 169 2.57 -3.17 21.79
CA GLN B 169 1.85 -2.12 22.49
C GLN B 169 1.97 -0.74 21.85
N TYR B 170 3.14 -0.40 21.31
CA TYR B 170 3.37 0.91 20.72
C TYR B 170 3.02 0.88 19.24
N LEU B 171 2.28 1.88 18.78
CA LEU B 171 1.61 1.81 17.48
C LEU B 171 2.54 2.08 16.31
N GLY B 172 3.65 2.75 16.51
CA GLY B 172 4.59 2.93 15.43
C GLY B 172 4.28 4.15 14.60
N PRO B 173 5.25 4.63 13.81
CA PRO B 173 5.06 5.90 13.11
C PRO B 173 4.09 5.84 11.94
N ALA B 174 3.88 4.69 11.31
CA ALA B 174 2.98 4.62 10.17
C ALA B 174 1.53 4.69 10.58
N VAL B 175 1.21 4.17 11.76
CA VAL B 175 -0.16 4.14 12.23
C VAL B 175 -0.53 5.46 12.89
N LEU B 176 0.41 6.08 13.60
CA LEU B 176 0.11 7.34 14.28
C LEU B 176 -0.01 8.51 13.31
N MET B 177 0.61 8.44 12.13
CA MET B 177 0.33 9.46 11.13
C MET B 177 -1.06 9.26 10.54
N GLN B 178 -1.56 8.03 10.50
CA GLN B 178 -2.91 7.77 10.04
C GLN B 178 -3.96 7.98 11.13
N ALA B 179 -3.55 8.37 12.33
CA ALA B 179 -4.47 8.91 13.31
C ALA B 179 -4.48 10.42 13.30
N TYR B 180 -3.35 11.03 12.93
CA TYR B 180 -3.28 12.47 12.72
C TYR B 180 -3.97 12.88 11.43
N ARG B 181 -4.08 11.97 10.46
CA ARG B 181 -4.81 12.27 9.22
C ARG B 181 -6.29 12.45 9.48
N TRP B 182 -6.84 11.74 10.45
CA TRP B 182 -8.24 11.88 10.80
C TRP B 182 -8.47 12.91 11.90
N LEU B 183 -7.43 13.31 12.61
CA LEU B 183 -7.62 14.26 13.70
C LEU B 183 -7.81 15.67 13.19
N ILE B 184 -7.06 16.08 12.17
CA ILE B 184 -7.17 17.44 11.64
C ILE B 184 -8.08 17.49 10.41
N ASP B 185 -8.84 16.44 10.14
CA ASP B 185 -9.86 16.53 9.10
C ASP B 185 -10.99 17.40 9.62
N SER B 186 -11.32 18.45 8.89
CA SER B 186 -12.24 19.47 9.40
C SER B 186 -13.69 19.02 9.41
N ARG B 187 -14.01 17.90 8.78
CA ARG B 187 -15.38 17.40 8.70
C ARG B 187 -15.54 16.09 9.46
N ASP B 188 -14.81 15.95 10.56
CA ASP B 188 -14.73 14.71 11.32
C ASP B 188 -15.07 15.00 12.78
N GLN B 189 -16.26 15.54 13.04
CA GLN B 189 -16.59 15.99 14.39
C GLN B 189 -16.83 14.86 15.39
N ALA B 190 -15.81 14.03 15.59
CA ALA B 190 -15.68 13.15 16.75
C ALA B 190 -14.18 13.02 17.00
N THR B 191 -13.66 13.91 17.83
CA THR B 191 -12.22 14.04 18.02
C THR B 191 -11.78 13.85 19.46
N LYS B 192 -12.69 13.84 20.42
CA LYS B 192 -12.32 13.52 21.79
C LYS B 192 -12.13 12.03 21.99
N THR B 193 -12.84 11.21 21.21
CA THR B 193 -12.67 9.77 21.29
C THR B 193 -11.31 9.34 20.74
N ARG B 194 -10.80 10.06 19.75
CA ARG B 194 -9.51 9.71 19.17
C ARG B 194 -8.35 10.07 20.08
N LYS B 195 -8.41 11.21 20.77
CA LYS B 195 -7.36 11.58 21.71
C LYS B 195 -7.67 11.08 23.12
N ALA B 196 -8.06 9.81 23.22
CA ALA B 196 -8.21 9.16 24.51
C ALA B 196 -7.68 7.75 24.53
N MET B 197 -7.48 7.11 23.39
CA MET B 197 -6.81 5.82 23.32
C MET B 197 -5.32 5.96 23.12
N LEU B 198 -4.83 7.19 22.92
CA LEU B 198 -3.41 7.49 22.87
C LEU B 198 -2.89 8.08 24.17
N ASN B 199 -3.77 8.31 25.14
CA ASN B 199 -3.41 8.98 26.39
C ASN B 199 -3.00 8.03 27.49
N ASN B 200 -2.45 6.88 27.13
CA ASN B 200 -1.96 5.90 28.09
C ASN B 200 -0.45 5.85 28.03
N SER B 201 0.14 4.88 28.74
CA SER B 201 1.58 4.83 28.94
C SER B 201 2.32 4.52 27.66
N MET B 202 1.89 3.50 26.92
CA MET B 202 2.58 3.06 25.70
C MET B 202 1.56 2.95 24.56
N SER B 203 1.23 4.08 23.94
CA SER B 203 0.62 4.03 22.62
C SER B 203 1.26 5.07 21.72
N LEU B 204 1.53 6.24 22.29
CA LEU B 204 2.15 7.36 21.60
C LEU B 204 3.40 7.84 22.31
N TYR B 205 3.39 7.85 23.63
CA TYR B 205 4.55 8.31 24.39
C TYR B 205 5.57 7.21 24.60
N ARG B 206 5.92 6.50 23.53
CA ARG B 206 7.17 5.76 23.45
C ARG B 206 8.02 6.31 22.33
N CYS B 207 7.57 7.41 21.74
CA CYS B 207 8.39 8.08 20.71
C CYS B 207 9.39 8.92 21.48
N HIS B 208 10.63 8.97 21.03
CA HIS B 208 11.72 9.73 21.63
C HIS B 208 12.38 10.66 20.63
N THR B 209 11.88 10.70 19.41
CA THR B 209 12.43 11.55 18.32
C THR B 209 13.73 10.99 17.73
N ILE B 210 13.89 9.67 17.57
CA ILE B 210 15.06 9.05 16.86
C ILE B 210 14.63 8.94 15.43
N MET B 211 14.62 9.99 14.63
CA MET B 211 13.92 9.99 13.31
C MET B 211 14.46 9.26 12.07
N ASN B 212 14.32 8.00 12.46
CA ASN B 212 14.62 7.22 11.28
C ASN B 212 13.44 7.16 10.33
N CYS B 213 12.33 7.76 10.84
CA CYS B 213 11.01 7.54 10.20
C CYS B 213 10.90 8.30 8.89
N THR B 214 11.24 9.60 9.15
CA THR B 214 11.30 10.62 8.12
C THR B 214 12.48 10.41 7.19
N ARG B 215 13.53 9.76 7.69
CA ARG B 215 14.73 9.53 6.90
C ARG B 215 14.51 8.46 5.84
N THR B 216 13.76 7.41 6.15
CA THR B 216 13.72 6.21 5.31
C THR B 216 12.42 6.08 4.50
N CYS B 217 11.56 7.09 4.56
CA CYS B 217 10.29 7.02 3.84
C CYS B 217 10.53 7.21 2.35
N PRO B 218 10.20 6.23 1.50
CA PRO B 218 10.51 6.38 0.07
C PRO B 218 9.60 7.37 -0.64
N LYS B 219 8.41 7.63 -0.13
CA LYS B 219 7.52 8.57 -0.79
C LYS B 219 7.76 10.00 -0.37
N GLY B 220 8.77 10.26 0.46
CA GLY B 220 9.13 11.61 0.82
C GLY B 220 8.22 12.27 1.83
N LEU B 221 7.43 11.50 2.57
CA LEU B 221 6.52 12.07 3.55
C LEU B 221 7.26 12.29 4.87
N ASN B 222 6.52 12.62 5.93
CA ASN B 222 7.11 13.06 7.18
C ASN B 222 6.29 12.54 8.36
N PRO B 223 6.50 11.28 8.75
CA PRO B 223 5.81 10.75 9.93
C PRO B 223 6.47 11.07 11.26
N GLY B 224 7.43 11.99 11.31
CA GLY B 224 8.07 12.33 12.56
C GLY B 224 7.59 13.67 13.06
N LEU B 225 7.24 14.55 12.13
CA LEU B 225 6.60 15.80 12.47
C LEU B 225 5.13 15.59 12.83
N ALA B 226 4.52 14.53 12.30
CA ALA B 226 3.12 14.26 12.59
C ALA B 226 2.92 13.67 13.97
N ILE B 227 3.91 12.98 14.52
CA ILE B 227 3.81 12.50 15.89
C ILE B 227 3.98 13.63 16.87
N ALA B 228 4.85 14.59 16.56
CA ALA B 228 5.10 15.74 17.43
C ALA B 228 3.95 16.73 17.47
N GLU B 229 2.92 16.56 16.64
CA GLU B 229 1.72 17.38 16.69
C GLU B 229 0.55 16.67 17.36
N ILE B 230 0.63 15.36 17.57
CA ILE B 230 -0.35 14.70 18.42
C ILE B 230 -0.01 14.94 19.88
N LYS B 231 1.28 14.96 20.22
CA LYS B 231 1.69 15.30 21.58
C LYS B 231 1.42 16.76 21.89
N LYS B 232 1.59 17.63 20.90
CA LYS B 232 1.33 19.06 21.06
C LYS B 232 -0.15 19.35 21.22
N SER B 233 -1.02 18.47 20.73
CA SER B 233 -2.46 18.63 20.86
C SER B 233 -3.05 17.86 22.03
N LEU B 234 -2.35 16.84 22.53
CA LEU B 234 -2.83 16.13 23.71
C LEU B 234 -2.55 16.91 24.98
N ALA B 235 -1.68 17.91 24.93
CA ALA B 235 -1.30 18.67 26.13
C ALA B 235 -2.19 19.90 26.32
N PHE B 236 -2.23 20.79 25.32
CA PHE B 236 -3.02 22.02 25.41
C PHE B 236 -4.47 21.72 25.10
N ALA B 237 -5.13 21.09 26.06
CA ALA B 237 -6.54 20.74 25.95
C ALA B 237 -7.36 21.52 26.96
N GLU C 1 -20.56 -26.25 15.41
CA GLU C 1 -21.10 -25.11 14.68
C GLU C 1 -20.00 -24.52 13.80
N MET C 2 -20.17 -24.60 12.48
CA MET C 2 -19.18 -24.12 11.54
C MET C 2 -19.05 -22.60 11.61
N ASN C 3 -17.87 -22.12 11.19
CA ASN C 3 -17.22 -20.83 11.43
C ASN C 3 -16.80 -20.62 12.88
N THR C 4 -17.02 -21.59 13.78
CA THR C 4 -16.45 -21.57 15.11
C THR C 4 -15.53 -22.75 15.35
N LYS C 5 -15.92 -23.95 14.94
CA LYS C 5 -14.98 -25.06 14.89
C LYS C 5 -14.03 -24.96 13.71
N ALA C 6 -14.28 -24.03 12.78
CA ALA C 6 -13.38 -23.73 11.68
C ALA C 6 -12.35 -22.69 12.04
N ALA C 7 -12.50 -22.00 13.17
CA ALA C 7 -11.52 -21.03 13.63
C ALA C 7 -10.52 -21.62 14.60
N ILE C 8 -10.98 -22.51 15.50
CA ILE C 8 -10.05 -23.20 16.39
C ILE C 8 -9.25 -24.25 15.64
N ALA C 9 -9.76 -24.80 14.54
CA ALA C 9 -8.98 -25.72 13.73
C ALA C 9 -7.96 -25.01 12.87
N GLU C 10 -8.06 -23.68 12.74
CA GLU C 10 -7.11 -22.87 11.99
C GLU C 10 -5.99 -22.35 12.87
N GLU C 11 -6.29 -22.04 14.13
CA GLU C 11 -5.27 -21.54 15.05
C GLU C 11 -4.31 -22.64 15.48
N GLN C 12 -4.74 -23.90 15.43
CA GLN C 12 -3.86 -24.98 15.84
C GLN C 12 -2.78 -25.26 14.81
N ILE C 13 -3.12 -25.15 13.53
CA ILE C 13 -2.13 -25.37 12.47
C ILE C 13 -1.23 -24.15 12.33
N LEU C 14 -1.72 -22.97 12.71
CA LEU C 14 -0.96 -21.74 12.52
C LEU C 14 -0.05 -21.42 13.69
N ASN C 15 -0.50 -21.63 14.93
CA ASN C 15 0.36 -21.38 16.09
C ASN C 15 1.51 -22.38 16.18
N LYS C 16 1.36 -23.56 15.58
CA LYS C 16 2.46 -24.51 15.55
C LYS C 16 3.57 -24.02 14.61
N GLN C 17 3.20 -23.30 13.55
CA GLN C 17 4.18 -22.78 12.61
C GLN C 17 4.68 -21.40 12.98
N ARG C 18 3.93 -20.64 13.77
CA ARG C 18 4.36 -19.31 14.17
C ARG C 18 5.41 -19.35 15.26
N ALA C 19 5.62 -20.50 15.89
CA ALA C 19 6.63 -20.64 16.93
C ALA C 19 7.98 -21.07 16.40
N ARG C 20 8.06 -21.40 15.11
CA ARG C 20 9.32 -21.89 14.50
C ARG C 20 9.92 -20.81 13.60
N ARG C 21 9.35 -19.61 13.60
CA ARG C 21 9.79 -18.54 12.74
C ARG C 21 10.96 -17.79 13.39
N PRO C 22 11.91 -17.32 12.60
CA PRO C 22 13.02 -16.53 13.14
C PRO C 22 12.72 -15.04 13.10
N ILE C 23 13.63 -14.28 13.69
CA ILE C 23 13.56 -12.83 13.71
C ILE C 23 14.65 -12.30 12.78
N SER C 24 14.26 -11.45 11.83
CA SER C 24 15.22 -10.85 10.94
C SER C 24 16.12 -9.88 11.70
N PRO C 25 17.39 -9.74 11.31
CA PRO C 25 18.33 -8.93 12.10
C PRO C 25 18.03 -7.45 12.01
N HIS C 26 18.17 -6.77 13.14
CA HIS C 26 17.76 -5.38 13.30
C HIS C 26 18.95 -4.45 13.51
N LEU C 27 19.76 -4.70 14.52
CA LEU C 27 21.09 -4.09 14.61
C LEU C 27 22.05 -4.92 13.77
N THR C 28 23.26 -4.40 13.62
CA THR C 28 24.40 -4.98 12.89
C THR C 28 24.16 -5.16 11.40
N ILE C 29 23.02 -4.73 10.87
CA ILE C 29 22.86 -4.60 9.42
C ILE C 29 22.41 -3.20 9.01
N TYR C 30 21.84 -2.41 9.92
CA TYR C 30 21.24 -1.15 9.53
C TYR C 30 22.32 -0.11 9.26
N GLN C 31 22.01 0.81 8.36
CA GLN C 31 22.97 1.79 7.94
C GLN C 31 23.19 2.82 9.03
N PRO C 32 24.44 3.16 9.36
CA PRO C 32 24.68 4.17 10.40
C PRO C 32 24.34 5.57 9.94
N GLN C 33 23.20 6.11 10.39
CA GLN C 33 22.74 7.42 9.97
C GLN C 33 22.93 8.42 11.10
N LEU C 34 22.79 9.70 10.76
CA LEU C 34 22.98 10.77 11.75
C LEU C 34 21.80 10.93 12.68
N THR C 35 20.59 10.60 12.22
CA THR C 35 19.40 10.70 13.06
C THR C 35 19.42 9.71 14.21
N TRP C 36 20.09 8.56 14.09
CA TRP C 36 20.07 7.67 15.29
C TRP C 36 21.37 7.74 16.07
N TYR C 37 22.53 7.88 15.42
CA TYR C 37 23.70 7.94 16.30
C TYR C 37 23.63 9.10 17.28
N LEU C 38 23.30 10.30 16.80
CA LEU C 38 23.26 11.46 17.69
C LEU C 38 22.06 11.47 18.62
N SER C 39 21.16 10.50 18.55
CA SER C 39 20.11 10.38 19.55
C SER C 39 20.25 9.15 20.41
N SER C 40 21.22 8.28 20.13
CA SER C 40 21.61 7.24 21.06
C SER C 40 22.71 7.70 21.98
N PHE C 41 23.47 8.69 21.55
CA PHE C 41 24.49 9.27 22.43
C PHE C 41 23.78 10.09 23.51
N HIS C 42 22.62 10.65 23.17
CA HIS C 42 21.93 11.49 24.12
C HIS C 42 21.45 10.70 25.33
N ARG C 43 21.19 9.41 25.19
CA ARG C 43 20.67 8.62 26.34
C ARG C 43 21.85 7.94 27.03
N ILE C 44 22.90 7.58 26.29
CA ILE C 44 24.08 7.01 26.93
C ILE C 44 24.77 8.04 27.80
N SER C 45 24.79 9.31 27.37
CA SER C 45 25.45 10.35 28.15
C SER C 45 24.70 10.69 29.42
N LEU C 46 23.37 10.66 29.38
CA LEU C 46 22.60 10.97 30.59
C LEU C 46 22.60 9.81 31.56
N VAL C 47 22.73 8.57 31.07
CA VAL C 47 22.76 7.41 31.95
C VAL C 47 24.08 7.35 32.70
N LEU C 48 25.19 7.63 32.02
CA LEU C 48 26.48 7.63 32.68
C LEU C 48 26.64 8.82 33.63
N MET C 49 26.14 9.98 33.22
CA MET C 49 26.21 11.15 34.10
C MET C 49 25.24 11.03 35.27
N GLY C 50 24.05 10.49 35.02
CA GLY C 50 23.08 10.32 36.09
C GLY C 50 23.40 9.23 37.07
N LEU C 51 24.21 8.25 36.67
CA LEU C 51 24.66 7.23 37.61
C LEU C 51 25.65 7.82 38.60
N GLY C 52 26.50 8.74 38.14
CA GLY C 52 27.44 9.38 39.05
C GLY C 52 26.76 10.33 40.01
N PHE C 53 25.68 10.99 39.58
CA PHE C 53 24.90 11.84 40.46
C PHE C 53 24.19 11.03 41.53
N TYR C 54 23.80 9.80 41.20
CA TYR C 54 23.16 8.94 42.20
C TYR C 54 24.19 8.29 43.11
N LEU C 55 25.35 7.93 42.57
CA LEU C 55 26.36 7.23 43.36
C LEU C 55 27.01 8.16 44.37
N PHE C 56 27.06 9.45 44.10
CA PHE C 56 27.68 10.39 45.02
C PHE C 56 26.70 10.97 46.04
N THR C 57 25.39 10.83 45.82
CA THR C 57 24.42 11.32 46.79
C THR C 57 23.91 10.24 47.73
N ILE C 58 23.90 8.97 47.31
CA ILE C 58 23.67 7.89 48.26
C ILE C 58 24.86 7.78 49.21
N LEU C 59 26.08 7.94 48.69
CA LEU C 59 27.28 7.89 49.51
C LEU C 59 27.33 9.05 50.50
N PHE C 60 26.72 10.17 50.17
CA PHE C 60 26.51 11.24 51.14
C PHE C 60 25.15 11.15 51.81
N GLY C 61 24.34 10.15 51.47
CA GLY C 61 23.04 9.99 52.06
C GLY C 61 22.99 8.84 53.04
N VAL C 62 23.82 7.81 52.81
CA VAL C 62 23.92 6.74 53.78
C VAL C 62 24.84 7.14 54.93
N SER C 63 25.64 8.20 54.75
CA SER C 63 26.45 8.71 55.85
C SER C 63 25.65 9.54 56.84
N GLY C 64 24.47 10.01 56.45
CA GLY C 64 23.61 10.75 57.35
C GLY C 64 22.74 9.84 58.19
N LEU C 65 22.23 8.77 57.58
CA LEU C 65 21.46 7.77 58.32
C LEU C 65 22.38 6.94 59.21
N LEU C 66 23.30 6.21 58.60
CA LEU C 66 24.37 5.55 59.33
C LEU C 66 25.47 6.58 59.52
N GLY C 67 25.61 7.09 60.74
CA GLY C 67 26.49 8.22 61.00
C GLY C 67 27.97 7.96 60.77
N LEU C 68 28.49 8.50 59.67
CA LEU C 68 29.90 8.39 59.34
C LEU C 68 30.59 9.73 59.18
N GLY C 69 29.85 10.80 58.90
CA GLY C 69 30.42 12.13 58.81
C GLY C 69 31.33 12.35 57.63
N LEU C 70 30.79 12.30 56.41
CA LEU C 70 31.56 12.57 55.21
C LEU C 70 31.37 14.01 54.78
N THR C 71 32.49 14.69 54.53
CA THR C 71 32.53 16.02 53.96
C THR C 71 33.07 15.95 52.54
N THR C 72 33.12 17.10 51.86
CA THR C 72 33.63 17.12 50.51
C THR C 72 35.14 16.85 50.47
N GLU C 73 35.89 17.44 51.39
CA GLU C 73 37.33 17.22 51.40
C GLU C 73 37.70 15.83 51.89
N LYS C 74 36.79 15.15 52.59
CA LYS C 74 37.04 13.76 52.96
C LYS C 74 36.91 12.83 51.77
N VAL C 75 36.09 13.17 50.77
CA VAL C 75 35.91 12.32 49.61
C VAL C 75 36.69 12.85 48.39
N SER C 76 37.04 14.13 48.37
CA SER C 76 37.82 14.65 47.24
C SER C 76 39.26 14.18 47.32
N ASN C 77 39.81 14.06 48.53
CA ASN C 77 41.17 13.59 48.68
C ASN C 77 41.28 12.10 48.42
N TRP C 78 40.21 11.34 48.69
CA TRP C 78 40.23 9.91 48.43
C TRP C 78 40.22 9.62 46.94
N TYR C 79 39.51 10.44 46.17
CA TYR C 79 39.49 10.25 44.72
C TYR C 79 40.81 10.67 44.09
N HIS C 80 41.56 11.56 44.74
CA HIS C 80 42.80 12.06 44.15
C HIS C 80 43.97 11.12 44.31
N GLN C 81 43.89 10.11 45.18
CA GLN C 81 44.77 8.96 45.09
C GLN C 81 44.04 7.84 44.35
N LYS C 82 44.62 6.64 44.38
CA LYS C 82 44.07 5.37 43.86
C LYS C 82 44.01 5.34 42.32
N PHE C 83 44.31 6.45 41.66
CA PHE C 83 44.32 6.54 40.22
C PHE C 83 45.56 7.28 39.77
N SER C 84 46.05 6.92 38.58
CA SER C 84 47.19 7.62 38.02
C SER C 84 46.76 8.99 37.48
N LYS C 85 47.74 9.85 37.27
CA LYS C 85 47.45 11.18 36.73
C LYS C 85 47.05 11.11 35.25
N ILE C 86 47.39 10.03 34.55
CA ILE C 86 46.86 9.80 33.21
C ILE C 86 45.41 9.35 33.29
N THR C 87 45.09 8.50 34.27
CA THR C 87 43.76 7.94 34.40
C THR C 87 42.75 8.99 34.87
N GLU C 88 43.19 9.97 35.68
CA GLU C 88 42.30 11.04 36.11
C GLU C 88 41.88 11.92 34.94
N TRP C 89 42.80 12.19 34.02
CA TRP C 89 42.44 12.97 32.83
C TRP C 89 41.58 12.17 31.86
N SER C 90 41.61 10.84 31.94
CA SER C 90 40.69 10.04 31.14
C SER C 90 39.27 10.11 31.68
N ILE C 91 39.13 10.29 32.99
CA ILE C 91 37.79 10.50 33.56
C ILE C 91 37.39 11.96 33.41
N LYS C 92 38.33 12.90 33.61
CA LYS C 92 38.03 14.31 33.46
C LYS C 92 37.81 14.69 32.00
N GLY C 93 38.40 13.95 31.07
CA GLY C 93 38.25 14.26 29.67
C GLY C 93 37.00 13.68 29.05
N SER C 94 36.62 12.46 29.45
CA SER C 94 35.44 11.84 28.87
C SER C 94 34.15 12.42 29.45
N PHE C 95 34.15 12.78 30.74
CA PHE C 95 32.97 13.37 31.34
C PHE C 95 32.70 14.80 30.89
N ALA C 96 33.67 15.45 30.24
CA ALA C 96 33.41 16.79 29.73
C ALA C 96 32.69 16.75 28.40
N TYR C 97 33.05 15.82 27.52
CA TYR C 97 32.39 15.72 26.24
C TYR C 97 30.99 15.12 26.37
N LEU C 98 30.80 14.22 27.34
CA LEU C 98 29.47 13.69 27.60
C LEU C 98 28.55 14.73 28.23
N PHE C 99 29.11 15.76 28.88
CA PHE C 99 28.30 16.87 29.34
C PHE C 99 28.02 17.86 28.22
N ALA C 100 28.98 18.04 27.30
CA ALA C 100 28.79 19.00 26.22
C ALA C 100 27.82 18.49 25.16
N ILE C 101 27.80 17.18 24.92
CA ILE C 101 26.88 16.63 23.93
C ILE C 101 25.49 16.48 24.52
N HIS C 102 25.35 16.51 25.84
CA HIS C 102 24.02 16.48 26.44
C HIS C 102 23.47 17.86 26.74
N TYR C 103 24.34 18.85 26.99
CA TYR C 103 23.85 20.20 27.20
C TYR C 103 23.32 20.79 25.90
N GLY C 104 24.02 20.52 24.79
CA GLY C 104 23.51 20.96 23.50
C GLY C 104 22.36 20.11 23.00
N GLY C 105 22.32 18.83 23.39
CA GLY C 105 21.24 17.98 22.98
C GLY C 105 19.92 18.31 23.64
N ALA C 106 19.96 18.85 24.85
CA ALA C 106 18.75 19.24 25.55
C ALA C 106 18.19 20.57 25.05
N ILE C 107 18.99 21.37 24.35
CA ILE C 107 18.46 22.53 23.64
C ILE C 107 17.93 22.10 22.27
N ARG C 108 18.51 21.05 21.69
CA ARG C 108 18.00 20.47 20.46
C ARG C 108 16.65 19.81 20.69
N HIS C 109 16.46 19.17 21.84
CA HIS C 109 15.24 18.47 22.15
C HIS C 109 14.15 19.38 22.72
N LEU C 110 14.42 20.67 22.88
CA LEU C 110 13.38 21.60 23.30
C LEU C 110 12.74 22.36 22.16
N ILE C 111 13.49 22.63 21.08
CA ILE C 111 12.91 23.18 19.87
C ILE C 111 12.07 22.13 19.17
N TRP C 112 12.34 20.85 19.42
CA TRP C 112 11.66 19.78 18.70
C TRP C 112 10.28 19.49 19.26
N ASP C 113 10.03 19.75 20.54
CA ASP C 113 8.70 19.48 21.08
C ASP C 113 7.75 20.65 20.90
N THR C 114 8.22 21.79 20.41
CA THR C 114 7.35 22.86 19.96
C THR C 114 7.10 22.79 18.47
N ALA C 115 7.26 21.60 17.87
CA ALA C 115 6.98 21.30 16.46
C ALA C 115 7.82 22.12 15.50
N LYS C 116 8.97 22.62 15.92
CA LYS C 116 9.82 23.45 15.09
C LYS C 116 11.08 22.68 14.70
N GLU C 117 11.51 22.87 13.45
CA GLU C 117 12.74 22.30 12.90
C GLU C 117 12.74 20.78 12.97
N LEU C 118 11.66 20.17 12.47
CA LEU C 118 11.53 18.72 12.43
C LEU C 118 11.55 18.15 11.02
N THR C 119 11.68 18.99 10.00
CA THR C 119 11.84 18.49 8.64
C THR C 119 13.24 17.89 8.47
N LEU C 120 13.48 17.27 7.31
CA LEU C 120 14.75 16.59 7.08
C LEU C 120 15.92 17.55 6.87
N LYS C 121 15.65 18.82 6.61
CA LYS C 121 16.71 19.82 6.58
C LYS C 121 16.99 20.42 7.95
N GLY C 122 16.02 20.39 8.85
CA GLY C 122 16.22 20.93 10.18
C GLY C 122 16.79 19.92 11.15
N VAL C 123 16.69 18.63 10.80
CA VAL C 123 17.32 17.59 11.59
C VAL C 123 18.80 17.52 11.30
N TYR C 124 19.18 17.71 10.05
CA TYR C 124 20.58 17.60 9.66
C TYR C 124 21.37 18.87 9.84
N ARG C 125 20.73 20.02 10.00
CA ARG C 125 21.48 21.24 10.23
C ARG C 125 21.65 21.56 11.71
N THR C 126 20.80 21.04 12.58
CA THR C 126 21.00 21.14 14.01
C THR C 126 21.69 19.90 14.58
N GLY C 127 22.20 19.03 13.71
CA GLY C 127 23.02 17.93 14.15
C GLY C 127 24.46 18.24 13.89
N TYR C 128 24.72 19.07 12.87
CA TYR C 128 26.05 19.58 12.66
C TYR C 128 26.35 20.76 13.59
N ALA C 129 25.31 21.50 13.98
CA ALA C 129 25.44 22.54 14.99
C ALA C 129 25.47 21.99 16.41
N LEU C 130 25.33 20.69 16.58
CA LEU C 130 25.51 20.01 17.87
C LEU C 130 26.84 19.29 17.96
N ILE C 131 27.33 18.75 16.84
CA ILE C 131 28.65 18.11 16.83
C ILE C 131 29.74 19.16 16.95
N GLY C 132 29.59 20.29 16.26
CA GLY C 132 30.58 21.36 16.35
C GLY C 132 30.56 22.07 17.69
N PHE C 133 29.37 22.25 18.27
CA PHE C 133 29.24 22.86 19.58
C PHE C 133 29.80 21.97 20.68
N THR C 134 29.81 20.65 20.45
CA THR C 134 30.37 19.71 21.42
C THR C 134 31.88 19.88 21.53
N ALA C 135 32.58 20.02 20.40
CA ALA C 135 34.04 20.11 20.43
C ALA C 135 34.51 21.44 20.98
N VAL C 136 33.70 22.49 20.91
CA VAL C 136 34.10 23.78 21.46
C VAL C 136 34.01 23.76 22.97
N LEU C 137 32.83 23.43 23.51
CA LEU C 137 32.62 23.48 24.95
C LEU C 137 33.27 22.29 25.65
N GLY C 138 33.53 21.20 24.93
CA GLY C 138 34.20 20.07 25.55
C GLY C 138 35.66 20.36 25.86
N THR C 139 36.37 20.98 24.92
CA THR C 139 37.74 21.40 25.19
C THR C 139 37.81 22.59 26.14
N TYR C 140 36.75 23.40 26.19
CA TYR C 140 36.73 24.58 27.05
C TYR C 140 36.73 24.23 28.52
N LEU C 141 36.23 23.05 28.89
CA LEU C 141 36.24 22.63 30.28
C LEU C 141 37.51 21.88 30.66
N LEU C 142 38.27 21.41 29.68
CA LEU C 142 39.56 20.79 30.00
C LEU C 142 40.62 21.82 30.35
N THR C 143 40.52 23.03 29.79
CA THR C 143 41.43 24.09 30.18
C THR C 143 41.05 24.66 31.55
N LEU C 144 39.76 24.88 31.77
CA LEU C 144 39.30 25.44 33.04
C LEU C 144 39.15 24.36 34.11
N LEU D 1 16.46 -13.09 35.34
CA LEU D 1 15.14 -12.50 35.50
C LEU D 1 14.12 -13.42 34.87
N PRO D 2 13.03 -13.76 35.58
CA PRO D 2 12.07 -14.73 35.05
C PRO D 2 11.19 -14.13 33.96
N VAL D 3 11.04 -14.88 32.87
CA VAL D 3 10.32 -14.42 31.68
C VAL D 3 8.96 -15.08 31.65
N LEU D 4 7.91 -14.27 31.45
CA LEU D 4 6.57 -14.79 31.28
C LEU D 4 6.43 -15.50 29.93
N PRO D 5 5.47 -16.41 29.80
CA PRO D 5 5.19 -16.98 28.47
C PRO D 5 4.61 -15.92 27.54
N GLN D 6 5.17 -15.84 26.33
CA GLN D 6 4.83 -14.79 25.38
C GLN D 6 3.82 -15.31 24.36
N LYS D 7 3.39 -14.41 23.48
CA LYS D 7 2.50 -14.80 22.40
C LYS D 7 3.26 -15.62 21.37
N PRO D 8 2.67 -16.69 20.84
CA PRO D 8 3.41 -17.57 19.93
C PRO D 8 3.60 -16.98 18.55
N GLY D 9 4.65 -16.18 18.38
CA GLY D 9 4.98 -15.62 17.08
C GLY D 9 4.75 -14.13 16.95
N GLY D 10 4.38 -13.46 18.03
CA GLY D 10 4.16 -12.03 17.97
C GLY D 10 2.69 -11.66 17.95
N VAL D 11 1.88 -12.43 17.23
CA VAL D 11 0.47 -12.11 17.03
C VAL D 11 -0.38 -13.17 17.70
N ARG D 12 -1.68 -12.90 17.72
CA ARG D 12 -2.66 -13.88 18.15
C ARG D 12 -3.95 -13.61 17.38
N GLY D 13 -4.36 -14.55 16.54
CA GLY D 13 -5.62 -14.42 15.83
C GLY D 13 -5.48 -14.10 14.35
N THR D 14 -6.50 -13.44 13.81
CA THR D 14 -6.63 -13.08 12.42
C THR D 14 -6.31 -11.59 12.25
N PRO D 15 -6.10 -11.13 11.02
CA PRO D 15 -5.91 -9.67 10.82
C PRO D 15 -7.14 -8.82 11.12
N ASN D 16 -8.33 -9.39 11.21
CA ASN D 16 -9.53 -8.63 11.55
C ASN D 16 -9.97 -8.89 12.99
N ASP D 17 -9.02 -9.06 13.89
CA ASP D 17 -9.22 -9.00 15.33
C ASP D 17 -8.42 -7.80 15.81
N ALA D 18 -9.10 -6.68 16.03
CA ALA D 18 -8.43 -5.41 16.22
C ALA D 18 -7.73 -5.34 17.57
N TYR D 19 -6.79 -4.40 17.66
CA TYR D 19 -6.09 -4.16 18.91
C TYR D 19 -7.02 -3.46 19.89
N VAL D 20 -7.09 -3.97 21.12
CA VAL D 20 -7.93 -3.39 22.15
C VAL D 20 -7.07 -2.43 22.98
N PRO D 21 -7.31 -1.12 22.93
CA PRO D 21 -6.40 -0.18 23.57
C PRO D 21 -6.64 -0.12 25.07
N PRO D 22 -5.62 0.22 25.85
CA PRO D 22 -5.81 0.37 27.29
C PRO D 22 -6.63 1.60 27.60
N PRO D 23 -7.25 1.67 28.78
CA PRO D 23 -8.08 2.84 29.11
C PRO D 23 -7.24 4.11 29.28
N GLU D 24 -7.96 5.23 29.26
CA GLU D 24 -7.31 6.54 29.38
C GLU D 24 -6.78 6.73 30.80
N ASN D 25 -5.48 6.90 30.92
CA ASN D 25 -4.79 6.97 32.21
C ASN D 25 -3.82 8.16 32.19
N LYS D 26 -4.37 9.33 31.88
CA LYS D 26 -3.58 10.53 31.58
C LYS D 26 -2.67 11.05 32.69
N LEU D 27 -2.68 10.42 33.87
CA LEU D 27 -1.64 10.70 34.85
C LEU D 27 -0.28 10.26 34.34
N GLU D 28 -0.19 9.04 33.82
CA GLU D 28 1.03 8.52 33.22
C GLU D 28 1.07 8.73 31.72
N GLY D 29 0.19 9.56 31.18
CA GLY D 29 0.17 9.91 29.78
C GLY D 29 0.54 11.36 29.56
N SER D 30 -0.47 12.21 29.40
CA SER D 30 -0.25 13.62 29.14
C SER D 30 0.33 14.38 30.33
N TYR D 31 0.09 13.93 31.56
CA TYR D 31 0.66 14.58 32.73
C TYR D 31 2.10 14.16 32.99
N HIS D 32 2.52 13.02 32.48
CA HIS D 32 3.92 12.64 32.58
C HIS D 32 4.77 13.40 31.60
N TRP D 33 4.18 13.86 30.49
CA TRP D 33 4.93 14.64 29.52
C TRP D 33 5.18 16.07 30.03
N TYR D 34 4.33 16.55 30.95
CA TYR D 34 4.55 17.86 31.54
C TYR D 34 5.78 17.87 32.44
N MET D 35 5.87 16.88 33.33
CA MET D 35 6.96 16.83 34.30
C MET D 35 8.31 16.57 33.66
N GLU D 36 8.36 15.98 32.48
CA GLU D 36 9.61 15.92 31.74
C GLU D 36 9.98 17.27 31.13
N LYS D 37 9.00 17.99 30.61
CA LYS D 37 9.23 19.29 29.99
C LYS D 37 9.24 20.44 30.99
N ILE D 38 8.92 20.19 32.26
CA ILE D 38 9.14 21.17 33.30
C ILE D 38 10.53 21.02 33.90
N PHE D 39 10.94 19.77 34.17
CA PHE D 39 12.26 19.50 34.69
C PHE D 39 13.37 19.73 33.67
N ALA D 40 13.06 19.86 32.39
CA ALA D 40 14.05 20.18 31.38
C ALA D 40 14.07 21.66 31.01
N LEU D 41 13.02 22.40 31.35
CA LEU D 41 12.99 23.85 31.19
C LEU D 41 13.48 24.57 32.44
N SER D 42 14.01 23.84 33.41
CA SER D 42 14.51 24.45 34.64
C SER D 42 15.81 23.80 35.07
N VAL D 43 16.56 23.27 34.12
CA VAL D 43 17.91 22.78 34.35
C VAL D 43 18.91 23.44 33.41
N VAL D 44 18.60 23.48 32.12
CA VAL D 44 19.42 24.18 31.13
C VAL D 44 19.53 25.69 31.34
N PRO D 45 18.60 26.45 32.03
CA PRO D 45 19.01 27.80 32.42
C PRO D 45 19.93 27.77 33.63
N LEU D 46 19.66 26.87 34.57
CA LEU D 46 20.44 26.81 35.79
C LEU D 46 21.77 26.10 35.63
N ALA D 47 22.00 25.41 34.52
CA ALA D 47 23.35 24.96 34.19
C ALA D 47 24.08 25.98 33.34
N THR D 48 23.36 26.92 32.72
CA THR D 48 24.00 28.03 32.03
C THR D 48 24.54 29.04 33.02
N THR D 49 23.75 29.36 34.04
CA THR D 49 24.21 30.23 35.12
C THR D 49 24.81 29.42 36.25
N ALA D 50 25.64 28.45 35.89
CA ALA D 50 26.52 27.76 36.83
C ALA D 50 27.88 27.53 36.23
N MET D 51 28.10 27.89 34.96
CA MET D 51 29.40 27.87 34.34
C MET D 51 29.94 29.25 34.07
N LEU D 52 29.11 30.29 34.21
CA LEU D 52 29.55 31.66 34.08
C LEU D 52 29.84 32.31 35.43
N THR D 53 29.53 31.58 36.51
CA THR D 53 29.82 32.06 37.89
C THR D 53 31.11 31.38 38.37
N THR D 54 32.12 32.17 38.76
CA THR D 54 33.46 31.59 39.11
C THR D 54 33.44 30.86 40.46
N GLY D 55 32.85 31.45 41.49
CA GLY D 55 32.89 30.84 42.83
C GLY D 55 32.01 29.61 42.92
N PRO D 56 31.42 29.28 44.09
CA PRO D 56 30.48 28.18 44.17
C PRO D 56 29.12 28.82 43.83
N LEU D 57 28.02 28.11 44.07
CA LEU D 57 26.71 28.78 43.85
C LEU D 57 26.01 28.94 45.20
N SER D 58 25.15 29.95 45.32
CA SER D 58 24.52 30.24 46.61
C SER D 58 23.83 28.99 47.16
N THR D 59 23.33 29.13 48.39
CA THR D 59 22.60 28.03 49.01
C THR D 59 21.22 27.87 48.37
N ALA D 60 20.51 28.97 48.17
CA ALA D 60 19.20 28.91 47.51
C ALA D 60 19.32 28.76 46.01
N ALA D 61 20.48 29.04 45.44
CA ALA D 61 20.72 28.82 44.01
C ALA D 61 21.21 27.42 43.71
N ASP D 62 21.42 26.60 44.74
CA ASP D 62 21.81 25.20 44.56
C ASP D 62 20.72 24.23 44.99
N SER D 63 19.92 24.60 45.99
CA SER D 63 18.82 23.73 46.41
C SER D 63 17.73 23.67 45.35
N PHE D 64 17.56 24.73 44.57
CA PHE D 64 16.71 24.65 43.39
C PHE D 64 17.38 23.80 42.32
N PHE D 65 18.71 23.89 42.22
CA PHE D 65 19.43 23.12 41.20
C PHE D 65 19.51 21.65 41.57
N SER D 66 19.73 21.33 42.84
CA SER D 66 19.89 19.94 43.28
C SER D 66 18.60 19.15 43.28
N VAL D 67 17.45 19.83 43.27
CA VAL D 67 16.16 19.16 43.22
C VAL D 67 15.69 18.98 41.79
N MET D 68 15.88 19.99 40.94
CA MET D 68 15.54 19.86 39.53
C MET D 68 16.48 18.92 38.79
N LEU D 69 17.67 18.67 39.31
CA LEU D 69 18.52 17.63 38.72
C LEU D 69 18.11 16.24 39.16
N LEU D 70 17.43 16.11 40.29
CA LEU D 70 16.99 14.80 40.75
C LEU D 70 15.83 14.31 39.91
N GLY D 71 14.84 15.16 39.68
CA GLY D 71 13.70 14.76 38.87
C GLY D 71 14.02 14.61 37.40
N TYR D 72 15.02 15.33 36.92
CA TYR D 72 15.43 15.17 35.53
C TYR D 72 16.18 13.85 35.33
N CYS D 73 16.90 13.39 36.33
CA CYS D 73 17.55 12.08 36.27
C CYS D 73 16.62 10.96 36.69
N TYR D 74 15.48 11.27 37.29
CA TYR D 74 14.50 10.25 37.65
C TYR D 74 13.53 9.97 36.51
N MET D 75 13.14 11.00 35.76
CA MET D 75 12.32 10.78 34.58
C MET D 75 13.10 10.13 33.45
N GLU D 76 14.43 10.29 33.44
CA GLU D 76 15.24 9.60 32.44
C GLU D 76 15.30 8.10 32.72
N PHE D 77 15.56 7.73 33.97
CA PHE D 77 15.61 6.32 34.34
C PHE D 77 14.23 5.69 34.35
N ASN D 78 13.16 6.49 34.39
CA ASN D 78 11.82 5.93 34.27
C ASN D 78 11.52 5.52 32.83
N SER D 79 12.17 6.16 31.86
CA SER D 79 12.00 5.77 30.47
C SER D 79 12.82 4.54 30.11
N CYS D 80 13.92 4.29 30.80
CA CYS D 80 14.71 3.09 30.56
C CYS D 80 14.16 1.88 31.29
N ILE D 81 13.17 2.05 32.15
CA ILE D 81 12.50 0.90 32.75
C ILE D 81 11.37 0.42 31.85
N THR D 82 10.54 1.36 31.38
CA THR D 82 9.37 0.99 30.58
C THR D 82 9.77 0.42 29.22
N ASP D 83 10.87 0.89 28.65
CA ASP D 83 11.32 0.35 27.37
C ASP D 83 11.95 -1.03 27.50
N TYR D 84 12.70 -1.31 28.56
CA TYR D 84 13.52 -2.51 28.62
C TYR D 84 13.03 -3.54 29.63
N ILE D 85 12.84 -3.17 30.89
CA ILE D 85 12.25 -4.09 31.87
C ILE D 85 10.74 -3.83 31.85
N SER D 86 10.08 -4.40 30.85
CA SER D 86 8.67 -4.11 30.63
C SER D 86 7.80 -5.19 31.25
N GLY D 87 6.49 -4.92 31.27
CA GLY D 87 5.57 -5.80 31.98
C GLY D 87 5.09 -6.97 31.13
N ARG D 88 5.17 -6.84 29.80
CA ARG D 88 4.81 -7.96 28.92
C ARG D 88 5.74 -9.14 29.09
N VAL D 89 7.02 -8.88 29.35
CA VAL D 89 8.05 -9.90 29.27
C VAL D 89 8.66 -10.23 30.64
N TYR D 90 8.56 -9.33 31.62
CA TYR D 90 9.05 -9.62 32.96
C TYR D 90 7.99 -9.58 34.05
N GLY D 91 6.85 -8.95 33.82
CA GLY D 91 5.73 -9.06 34.74
C GLY D 91 5.88 -8.28 36.03
N VAL D 92 6.03 -9.00 37.15
CA VAL D 92 6.12 -8.33 38.44
C VAL D 92 7.50 -7.74 38.69
N TRP D 93 8.51 -8.09 37.89
CA TRP D 93 9.82 -7.49 38.03
C TRP D 93 9.92 -6.15 37.31
N HIS D 94 8.83 -5.66 36.73
CA HIS D 94 8.76 -4.27 36.34
C HIS D 94 8.45 -3.38 37.53
N LYS D 95 7.59 -3.86 38.43
CA LYS D 95 7.28 -3.08 39.63
C LYS D 95 8.41 -3.14 40.65
N TYR D 96 9.11 -4.27 40.73
CA TYR D 96 10.19 -4.39 41.71
C TYR D 96 11.39 -3.54 41.32
N ALA D 97 11.62 -3.37 40.02
CA ALA D 97 12.66 -2.45 39.57
C ALA D 97 12.17 -1.00 39.55
N MET D 98 10.87 -0.77 39.64
CA MET D 98 10.34 0.58 39.76
C MET D 98 10.25 1.06 41.20
N TYR D 99 10.34 0.15 42.16
CA TYR D 99 10.42 0.54 43.57
C TYR D 99 11.83 0.82 44.02
N MET D 100 12.84 0.43 43.23
CA MET D 100 14.21 0.78 43.54
C MET D 100 14.60 2.18 43.08
N LEU D 101 13.77 2.82 42.26
CA LEU D 101 13.82 4.27 42.10
C LEU D 101 12.97 5.00 43.12
N GLY D 102 12.38 4.26 44.05
CA GLY D 102 11.58 4.77 45.15
C GLY D 102 12.43 4.83 46.40
N LEU D 103 12.38 3.79 47.24
CA LEU D 103 13.27 3.73 48.39
C LEU D 103 14.66 3.22 48.01
N GLY D 104 15.24 3.79 46.96
CA GLY D 104 16.65 3.69 46.62
C GLY D 104 17.06 5.02 46.03
N SER D 105 16.09 5.93 45.94
CA SER D 105 16.32 7.28 45.45
C SER D 105 15.65 8.35 46.30
N ALA D 106 14.74 7.99 47.19
CA ALA D 106 14.23 8.96 48.16
C ALA D 106 15.22 9.22 49.27
N VAL D 107 16.17 8.31 49.50
CA VAL D 107 17.29 8.58 50.39
C VAL D 107 18.43 9.29 49.67
N SER D 108 18.26 9.59 48.39
CA SER D 108 19.13 10.51 47.69
C SER D 108 18.65 11.95 47.80
N LEU D 109 17.49 12.17 48.41
CA LEU D 109 17.06 13.51 48.80
C LEU D 109 17.56 13.88 50.18
N PHE D 110 17.79 12.90 51.05
CA PHE D 110 18.46 13.19 52.31
C PHE D 110 19.94 13.44 52.10
N GLY D 111 20.52 12.90 51.02
CA GLY D 111 21.88 13.25 50.67
C GLY D 111 22.03 14.67 50.18
N ILE D 112 20.95 15.28 49.67
CA ILE D 112 20.97 16.71 49.38
C ILE D 112 21.03 17.50 50.66
N TYR D 113 20.38 17.02 51.72
CA TYR D 113 20.39 17.70 53.01
C TYR D 113 21.77 17.69 53.66
N LYS D 114 22.61 16.73 53.31
CA LYS D 114 24.01 16.72 53.75
C LYS D 114 24.91 17.52 52.84
N LEU D 115 24.34 18.25 51.88
CA LEU D 115 25.12 19.08 50.96
C LEU D 115 24.68 20.54 50.95
N GLU D 116 23.44 20.85 51.28
CA GLU D 116 23.01 22.23 51.37
C GLU D 116 23.22 22.83 52.75
N THR D 117 23.52 22.01 53.75
CA THR D 117 23.71 22.48 55.12
C THR D 117 25.16 22.35 55.59
N GLU D 118 25.72 21.16 55.57
CA GLU D 118 27.07 20.96 56.08
C GLU D 118 28.15 21.19 55.04
N ASN D 119 27.80 21.31 53.76
CA ASN D 119 28.76 21.63 52.71
C ASN D 119 28.19 22.72 51.81
N ASP D 120 28.85 22.98 50.69
CA ASP D 120 28.40 24.03 49.76
C ASP D 120 27.87 23.34 48.51
N GLY D 121 26.62 22.90 48.59
CA GLY D 121 25.85 22.41 47.46
C GLY D 121 26.38 21.19 46.72
N VAL D 122 25.76 20.87 45.57
CA VAL D 122 26.30 19.83 44.72
C VAL D 122 27.21 20.43 43.65
N VAL D 123 27.13 21.74 43.41
CA VAL D 123 28.06 22.37 42.49
C VAL D 123 29.41 22.58 43.14
N GLY D 124 29.50 22.48 44.47
CA GLY D 124 30.78 22.56 45.13
C GLY D 124 31.50 21.24 45.18
N LEU D 125 30.77 20.12 45.03
CA LEU D 125 31.42 18.82 45.03
C LEU D 125 31.95 18.47 43.65
N VAL D 126 31.23 18.84 42.60
CA VAL D 126 31.67 18.48 41.25
C VAL D 126 32.69 19.48 40.72
N LYS D 127 32.77 20.69 41.29
CA LYS D 127 33.84 21.60 40.91
C LYS D 127 35.10 21.32 41.70
N SER D 128 34.99 20.60 42.81
CA SER D 128 36.16 20.26 43.61
C SER D 128 36.69 18.86 43.32
N LEU D 129 36.01 18.09 42.48
CA LEU D 129 36.61 16.82 42.02
C LEU D 129 37.45 17.33 40.86
N TRP D 130 37.43 18.65 40.66
CA TRP D 130 38.27 19.29 39.60
C TRP D 130 37.87 18.94 38.17
N ASP D 131 36.62 19.03 37.77
CA ASP D 131 36.35 18.78 36.32
C ASP D 131 36.63 20.05 35.52
PA FAD E . -8.64 -4.89 -9.26
O1A FAD E . -8.48 -3.48 -8.84
O2A FAD E . -7.57 -5.51 -10.08
O5B FAD E . -8.91 -5.80 -7.98
C5B FAD E . -8.85 -7.24 -8.11
C4B FAD E . -8.83 -7.86 -6.74
O4B FAD E . -9.06 -9.30 -6.86
C3B FAD E . -7.50 -7.75 -5.99
O3B FAD E . -7.68 -7.77 -4.58
C2B FAD E . -6.82 -9.06 -6.37
O2B FAD E . -5.78 -9.37 -5.47
C1B FAD E . -8.01 -9.99 -6.25
N9A FAD E . -7.82 -11.23 -6.95
C8A FAD E . -7.40 -11.40 -8.24
N7A FAD E . -7.30 -12.66 -8.58
C5A FAD E . -7.68 -13.37 -7.45
C6A FAD E . -7.78 -14.74 -7.17
N6A FAD E . -7.51 -15.69 -8.04
N1A FAD E . -8.20 -15.09 -5.93
C2A FAD E . -8.47 -14.12 -5.05
N3A FAD E . -8.40 -12.81 -5.20
C4A FAD E . -8.00 -12.49 -6.43
N1 FAD E . -9.78 3.88 -14.83
C2 FAD E . -10.32 5.11 -14.89
O2 FAD E . -11.54 5.24 -14.91
N3 FAD E . -9.57 6.23 -14.92
C4 FAD E . -8.20 6.19 -14.90
O4 FAD E . -7.57 7.22 -14.93
C4X FAD E . -7.59 4.93 -14.83
N5 FAD E . -6.29 4.88 -14.81
C5X FAD E . -5.71 3.63 -14.76
C6 FAD E . -4.31 3.54 -14.72
C7 FAD E . -3.68 2.31 -14.67
C7M FAD E . -2.17 2.22 -14.64
C8 FAD E . -4.47 1.16 -14.65
C8M FAD E . -3.84 -0.21 -14.57
C9 FAD E . -5.83 1.23 -14.67
C9A FAD E . -6.48 2.46 -14.72
N10 FAD E . -7.88 2.56 -14.75
C10 FAD E . -8.47 3.80 -14.80
C1' FAD E . -8.71 1.35 -14.72
C2' FAD E . -9.16 1.00 -13.32
O2' FAD E . -8.05 1.04 -12.45
C3' FAD E . -9.76 -0.40 -13.27
O3' FAD E . -11.01 -0.38 -13.93
C4' FAD E . -9.98 -0.89 -11.83
O4' FAD E . -8.72 -0.88 -11.17
C5' FAD E . -10.57 -2.27 -11.76
O5' FAD E . -10.72 -2.64 -10.36
P FAD E . -11.31 -4.07 -9.98
O1P FAD E . -11.79 -4.06 -8.57
O2P FAD E . -12.26 -4.47 -11.06
O3P FAD E . -10.01 -4.99 -10.06
FE1 FES F . 7.15 -2.30 -5.35
FE2 FES F . 4.30 -1.31 -5.78
S1 FES F . 5.36 -3.17 -6.23
S2 FES F . 6.06 -0.50 -4.76
FE1 SF4 G . 5.92 4.89 6.53
FE2 SF4 G . 3.89 5.54 4.92
FE3 SF4 G . 6.31 6.54 4.43
FE4 SF4 G . 5.82 3.92 4.02
S1 SF4 G . 4.91 5.66 2.93
S2 SF4 G . 7.60 4.78 5.06
S3 SF4 G . 4.37 3.50 5.69
S4 SF4 G . 5.04 6.95 6.22
FE1 F3S H . 9.97 8.34 17.14
FE3 F3S H . 10.62 6.11 15.85
FE4 F3S H . 10.30 8.36 14.52
S1 F3S H . 11.38 6.76 17.82
S2 F3S H . 11.01 9.98 15.92
S3 F3S H . 8.63 7.23 15.64
S4 F3S H . 11.82 6.77 14.02
C1 UQ1 I . 17.44 1.99 22.01
O1 UQ1 I . 17.04 1.24 22.90
C2 UQ1 I . 16.76 3.30 21.77
O2 UQ1 I . 15.56 3.51 22.32
CM2 UQ1 I . 14.56 2.48 22.25
C3 UQ1 I . 17.39 4.24 21.03
O3 UQ1 I . 17.03 5.54 21.02
CM3 UQ1 I . 16.70 6.15 22.27
C4 UQ1 I . 18.53 3.84 20.15
O4 UQ1 I . 19.11 4.68 19.46
C5 UQ1 I . 18.94 2.45 20.14
CM5 UQ1 I . 19.76 1.94 19.00
C6 UQ1 I . 18.60 1.64 21.20
C7 UQ1 I . 19.40 0.43 21.61
C8 UQ1 I . 20.28 0.68 22.81
C9 UQ1 I . 21.20 1.63 22.92
C10 UQ1 I . 21.46 2.35 24.20
C11 UQ1 I . 22.05 2.07 21.77
C27 PEE J . 21.78 19.15 30.86
C26 PEE J . 21.70 18.59 32.27
C25 PEE J . 22.84 17.57 32.48
C24 PEE J . 23.13 17.43 34.00
C23 PEE J . 22.64 16.03 34.48
C22 PEE J . 23.48 15.56 35.71
C21 PEE J . 24.64 16.54 36.01
C20 PEE J . 25.48 15.99 37.20
C19 PEE J . 25.98 17.16 38.10
C18 PEE J . 26.67 18.23 37.21
C17 PEE J . 26.06 19.63 37.53
C16 PEE J . 27.10 20.73 37.19
C15 PEE J . 27.64 20.49 35.75
C14 PEE J . 28.27 21.83 35.23
C13 PEE J . 29.05 22.51 36.40
C12 PEE J . 29.38 23.98 36.01
C11 PEE J . 30.85 24.06 35.49
C10 PEE J . 31.72 24.73 36.59
O4 PEE J . 31.27 25.62 37.23
O2 PEE J . 33.06 24.28 36.84
C2 PEE J . 33.96 24.59 35.82
C1 PEE J . 34.28 26.08 35.88
O3P PEE J . 34.97 26.37 37.08
P PEE J . 35.22 27.98 37.48
O2P PEE J . 35.75 28.07 38.88
O1P PEE J . 33.91 28.72 37.39
O4P PEE J . 36.31 28.67 36.43
C4 PEE J . 37.29 27.83 35.85
C5 PEE J . 38.61 27.94 36.63
N PEE J . 39.18 29.27 36.41
C3 PEE J . 35.25 23.78 36.01
O3 PEE J . 34.94 22.46 36.43
C30 PEE J . 33.99 21.78 35.60
O5 PEE J . 34.15 21.75 34.42
C31 PEE J . 32.74 21.07 36.21
C32 PEE J . 31.76 20.74 35.05
C33 PEE J . 32.19 19.41 34.38
C34 PEE J . 31.48 18.25 35.13
C35 PEE J . 30.61 17.47 34.11
C36 PEE J . 31.08 15.99 34.13
C37 PEE J . 29.84 15.07 34.29
C38 PEE J . 28.77 15.81 35.12
C39 PEE J . 29.03 15.52 36.63
C40 PEE J . 29.54 14.07 36.81
C41 PEE J . 30.44 14.00 38.08
C42 PEE J . 29.76 13.08 39.15
C43 PEE J . 28.22 13.28 39.07
C44 PEE J . 27.82 14.39 40.08
C45 PEE J . 28.42 14.06 41.47
C46 PEE J . 27.88 15.06 42.50
C47 PEE J . 26.74 14.41 43.27
#